data_3F0G
#
_entry.id   3F0G
#
_cell.length_a   157.662
_cell.length_b   69.760
_cell.length_c   116.671
_cell.angle_alpha   90.000
_cell.angle_beta   130.040
_cell.angle_gamma   90.000
#
_symmetry.space_group_name_H-M   'C 1 2 1'
#
loop_
_entity.id
_entity.type
_entity.pdbx_description
1 polymer '2-C-methyl-D-erythritol 2,4-cyclodiphosphate synthase'
2 non-polymer 'ZINC ION'
3 non-polymer "CYTIDINE-5'-MONOPHOSPHATE"
4 water water
#
_entity_poly.entity_id   1
_entity_poly.type   'polypeptide(L)'
_entity_poly.pdbx_seq_one_letter_code
;MAHHHHHHMGTLEAQTQGPGSMDFRIGQGYDVHQLVPGRPLIIGGVTIPYERGLLGHSDADVLLHAITDALFGAAALGDI
GRHFSDTDPRFKGADSRALLRECASRVAQAGFAIRNVDSTIIAQAPKLAPHIDAMRANIAADLDLPLDRVNVKAKTNEKL
GYLGRGEGIEAQAAALVVREAAA
;
_entity_poly.pdbx_strand_id   A,B,C,D,E,F
#
loop_
_chem_comp.id
_chem_comp.type
_chem_comp.name
_chem_comp.formula
C5P non-polymer CYTIDINE-5'-MONOPHOSPHATE 'C9 H14 N3 O8 P'
ZN non-polymer 'ZINC ION' 'Zn 2'
#
# COMPACT_ATOMS: atom_id res chain seq x y z
N MET A 22 42.79 -17.49 -30.24
CA MET A 22 43.65 -16.29 -30.45
C MET A 22 42.89 -14.99 -30.17
N ASP A 23 42.96 -14.01 -31.08
CA ASP A 23 42.49 -12.65 -30.79
C ASP A 23 40.99 -12.44 -31.07
N PHE A 24 40.16 -13.07 -30.24
CA PHE A 24 38.71 -12.95 -30.33
C PHE A 24 38.23 -11.62 -29.76
N ARG A 25 37.11 -11.14 -30.29
CA ARG A 25 36.44 -9.93 -29.81
C ARG A 25 34.94 -10.15 -29.87
N ILE A 26 34.22 -9.69 -28.86
CA ILE A 26 32.76 -9.76 -28.90
C ILE A 26 32.13 -8.37 -29.08
N GLY A 27 30.97 -8.35 -29.74
CA GLY A 27 30.21 -7.13 -29.95
C GLY A 27 28.74 -7.36 -29.69
N GLN A 28 28.04 -6.30 -29.35
CA GLN A 28 26.60 -6.37 -29.08
C GLN A 28 25.91 -5.20 -29.79
N GLY A 29 24.65 -5.42 -30.19
CA GLY A 29 23.92 -4.41 -30.91
C GLY A 29 22.48 -4.30 -30.47
N TYR A 30 21.93 -3.10 -30.66
CA TYR A 30 20.57 -2.79 -30.24
C TYR A 30 19.95 -1.84 -31.25
N ASP A 31 18.68 -2.07 -31.56
CA ASP A 31 17.93 -1.12 -32.37
C ASP A 31 16.44 -1.19 -32.08
N VAL A 32 15.75 -0.09 -32.35
CA VAL A 32 14.29 -0.03 -32.26
C VAL A 32 13.77 0.99 -33.27
N HIS A 33 12.64 0.69 -33.90
CA HIS A 33 11.96 1.62 -34.80
C HIS A 33 10.46 1.65 -34.55
N GLN A 34 9.87 2.82 -34.74
CA GLN A 34 8.41 2.97 -34.68
C GLN A 34 7.74 2.21 -35.82
N LEU A 35 6.60 1.60 -35.52
CA LEU A 35 5.72 1.04 -36.54
C LEU A 35 4.69 2.09 -36.96
N VAL A 36 4.63 2.37 -38.26
CA VAL A 36 3.75 3.41 -38.79
C VAL A 36 3.05 2.96 -40.07
N PRO A 37 1.87 3.54 -40.37
CA PRO A 37 1.22 3.31 -41.66
C PRO A 37 2.07 3.86 -42.82
N GLY A 38 1.88 3.31 -44.01
CA GLY A 38 2.49 3.85 -45.23
C GLY A 38 3.88 3.37 -45.58
N ARG A 39 4.48 2.57 -44.68
CA ARG A 39 5.84 2.07 -44.86
C ARG A 39 5.86 0.55 -45.04
N PRO A 40 6.78 0.04 -45.89
CA PRO A 40 6.96 -1.41 -45.99
C PRO A 40 7.60 -1.97 -44.72
N LEU A 41 7.18 -3.16 -44.31
CA LEU A 41 7.79 -3.81 -43.15
C LEU A 41 8.92 -4.74 -43.61
N ILE A 42 10.16 -4.30 -43.37
CA ILE A 42 11.34 -5.05 -43.78
C ILE A 42 12.21 -5.37 -42.57
N ILE A 43 12.36 -6.67 -42.29
CA ILE A 43 13.15 -7.17 -41.17
C ILE A 43 14.01 -8.35 -41.64
N GLY A 44 15.31 -8.26 -41.38
CA GLY A 44 16.27 -9.25 -41.85
C GLY A 44 16.32 -9.33 -43.37
N GLY A 45 16.02 -8.21 -44.03
CA GLY A 45 15.99 -8.14 -45.50
C GLY A 45 14.71 -8.71 -46.09
N VAL A 46 13.81 -9.20 -45.23
CA VAL A 46 12.58 -9.84 -45.69
C VAL A 46 11.43 -8.82 -45.68
N THR A 47 10.81 -8.64 -46.84
CA THR A 47 9.60 -7.82 -46.93
C THR A 47 8.43 -8.65 -46.43
N ILE A 48 7.81 -8.18 -45.34
CA ILE A 48 6.74 -8.92 -44.68
C ILE A 48 5.39 -8.23 -44.89
N PRO A 49 4.41 -8.95 -45.47
CA PRO A 49 3.07 -8.38 -45.65
C PRO A 49 2.48 -7.89 -44.34
N TYR A 50 2.16 -6.60 -44.29
CA TYR A 50 1.66 -5.95 -43.08
C TYR A 50 1.23 -4.53 -43.41
N GLU A 51 0.21 -4.05 -42.70
CA GLU A 51 -0.38 -2.74 -42.95
C GLU A 51 0.48 -1.59 -42.43
N ARG A 52 1.46 -1.92 -41.58
CA ARG A 52 2.41 -0.94 -41.08
C ARG A 52 3.83 -1.36 -41.43
N GLY A 53 4.77 -0.43 -41.29
CA GLY A 53 6.18 -0.72 -41.49
C GLY A 53 7.01 0.08 -40.50
N LEU A 54 8.32 -0.09 -40.57
CA LEU A 54 9.22 0.58 -39.65
C LEU A 54 9.66 1.92 -40.21
N LEU A 55 9.64 2.93 -39.34
CA LEU A 55 9.99 4.30 -39.71
C LEU A 55 11.46 4.59 -39.47
N GLY A 56 12.11 5.15 -40.48
CA GLY A 56 13.51 5.52 -40.38
C GLY A 56 14.02 6.16 -41.65
N HIS A 57 15.24 6.67 -41.60
CA HIS A 57 15.90 7.31 -42.72
C HIS A 57 16.15 6.31 -43.86
N SER A 58 16.65 5.12 -43.52
CA SER A 58 16.81 4.02 -44.48
C SER A 58 15.53 3.19 -44.52
N ASP A 59 15.61 1.94 -44.99
CA ASP A 59 14.44 1.05 -44.96
C ASP A 59 14.05 0.65 -43.52
N ALA A 60 14.86 1.10 -42.55
CA ALA A 60 14.60 0.94 -41.12
C ALA A 60 14.63 -0.52 -40.64
N ASP A 61 15.42 -1.34 -41.33
CA ASP A 61 15.55 -2.76 -41.01
C ASP A 61 16.20 -2.93 -39.63
N VAL A 62 15.34 -3.00 -38.61
CA VAL A 62 15.76 -3.03 -37.19
C VAL A 62 16.74 -4.17 -36.86
N LEU A 63 16.55 -5.33 -37.48
CA LEU A 63 17.37 -6.49 -37.18
C LEU A 63 18.77 -6.36 -37.78
N LEU A 64 18.84 -5.92 -39.03
CA LEU A 64 20.11 -5.74 -39.71
C LEU A 64 20.95 -4.63 -39.10
N HIS A 65 20.27 -3.59 -38.58
CA HIS A 65 20.96 -2.49 -37.91
C HIS A 65 21.61 -2.93 -36.60
N ALA A 66 20.90 -3.73 -35.81
CA ALA A 66 21.43 -4.28 -34.57
C ALA A 66 22.63 -5.20 -34.83
N ILE A 67 22.55 -6.01 -35.89
CA ILE A 67 23.64 -6.89 -36.29
C ILE A 67 24.85 -6.09 -36.77
N THR A 68 24.57 -5.11 -37.59
CA THR A 68 25.53 -4.14 -38.01
C THR A 68 26.30 -3.48 -36.88
N ASP A 69 25.61 -2.96 -35.87
CA ASP A 69 26.15 -2.34 -34.69
C ASP A 69 27.02 -3.30 -33.90
N ALA A 70 26.55 -4.53 -33.75
CA ALA A 70 27.31 -5.61 -33.15
C ALA A 70 28.64 -5.88 -33.84
N LEU A 71 28.62 -5.84 -35.14
CA LEU A 71 29.83 -6.11 -35.93
C LEU A 71 30.84 -4.96 -35.87
N PHE A 72 30.37 -3.72 -36.00
CA PHE A 72 31.23 -2.56 -35.77
C PHE A 72 31.78 -2.55 -34.34
N GLY A 73 30.92 -2.91 -33.37
CA GLY A 73 31.31 -2.93 -31.96
C GLY A 73 32.41 -3.93 -31.64
N ALA A 74 32.28 -5.15 -32.17
CA ALA A 74 33.30 -6.20 -32.00
C ALA A 74 34.66 -5.77 -32.56
N ALA A 75 34.65 -5.06 -33.69
CA ALA A 75 35.87 -4.63 -34.35
C ALA A 75 36.37 -3.29 -33.80
N ALA A 76 35.65 -2.73 -32.82
CA ALA A 76 35.91 -1.39 -32.26
C ALA A 76 35.96 -0.29 -33.31
N LEU A 77 35.00 -0.32 -34.24
CA LEU A 77 34.93 0.64 -35.33
C LEU A 77 33.86 1.72 -35.11
N GLY A 78 33.36 1.81 -33.88
CA GLY A 78 32.29 2.76 -33.57
C GLY A 78 30.91 2.16 -33.74
N ASP A 79 30.05 2.84 -34.48
CA ASP A 79 28.66 2.41 -34.63
C ASP A 79 28.07 2.72 -36.01
N ILE A 80 26.82 2.29 -36.22
CA ILE A 80 26.12 2.44 -37.50
C ILE A 80 25.96 3.90 -37.93
N GLY A 81 25.67 4.77 -36.97
CA GLY A 81 25.46 6.20 -37.24
C GLY A 81 26.70 6.92 -37.74
N ARG A 82 27.86 6.53 -37.22
CA ARG A 82 29.14 7.05 -37.68
C ARG A 82 29.44 6.61 -39.12
N HIS A 83 29.17 5.35 -39.42
CA HIS A 83 29.50 4.79 -40.72
C HIS A 83 28.48 5.12 -41.81
N PHE A 84 27.20 5.13 -41.46
CA PHE A 84 26.11 5.43 -42.39
C PHE A 84 25.19 6.48 -41.80
N SER A 85 25.57 7.74 -41.99
CA SER A 85 24.90 8.88 -41.35
C SER A 85 23.39 8.98 -41.59
N ASP A 86 22.66 9.30 -40.52
CA ASP A 86 21.23 9.59 -40.58
C ASP A 86 20.91 10.81 -41.46
N THR A 87 21.89 11.67 -41.67
CA THR A 87 21.71 12.89 -42.44
C THR A 87 22.53 12.86 -43.75
N ASP A 88 22.17 11.94 -44.62
CA ASP A 88 22.75 11.82 -45.96
C ASP A 88 21.65 11.33 -46.89
N PRO A 89 21.42 12.05 -48.01
CA PRO A 89 20.36 11.67 -48.96
C PRO A 89 20.61 10.36 -49.72
N ARG A 90 21.86 9.89 -49.74
CA ARG A 90 22.19 8.61 -50.38
C ARG A 90 21.69 7.44 -49.52
N PHE A 91 21.70 7.63 -48.20
CA PHE A 91 21.21 6.61 -47.28
C PHE A 91 19.69 6.73 -47.02
N LYS A 92 19.05 7.66 -47.72
CA LYS A 92 17.59 7.80 -47.67
C LYS A 92 16.94 6.61 -48.38
N GLY A 93 16.22 5.81 -47.61
CA GLY A 93 15.60 4.57 -48.11
C GLY A 93 16.61 3.51 -48.51
N ALA A 94 17.79 3.56 -47.90
CA ALA A 94 18.88 2.65 -48.25
C ALA A 94 18.56 1.21 -47.90
N ASP A 95 18.99 0.31 -48.78
CA ASP A 95 18.91 -1.13 -48.56
C ASP A 95 19.86 -1.49 -47.42
N SER A 96 19.31 -1.94 -46.29
CA SER A 96 20.14 -2.24 -45.12
C SER A 96 20.99 -3.49 -45.30
N ARG A 97 20.60 -4.34 -46.24
CA ARG A 97 21.41 -5.48 -46.65
C ARG A 97 22.70 -4.99 -47.30
N ALA A 98 22.61 -3.96 -48.13
CA ALA A 98 23.80 -3.33 -48.70
C ALA A 98 24.66 -2.69 -47.62
N LEU A 99 24.01 -2.12 -46.61
CA LEU A 99 24.73 -1.53 -45.47
C LEU A 99 25.43 -2.61 -44.65
N LEU A 100 24.73 -3.71 -44.40
CA LEU A 100 25.33 -4.86 -43.71
C LEU A 100 26.57 -5.38 -44.45
N ARG A 101 26.46 -5.53 -45.77
CA ARG A 101 27.59 -6.01 -46.58
C ARG A 101 28.79 -5.06 -46.53
N GLU A 102 28.52 -3.75 -46.56
CA GLU A 102 29.59 -2.74 -46.46
C GLU A 102 30.23 -2.79 -45.07
N CYS A 103 29.39 -2.88 -44.04
CA CYS A 103 29.86 -3.10 -42.68
C CYS A 103 30.84 -4.29 -42.61
N ALA A 104 30.41 -5.44 -43.12
CA ALA A 104 31.24 -6.65 -43.17
C ALA A 104 32.58 -6.41 -43.89
N SER A 105 32.51 -5.65 -44.98
CA SER A 105 33.70 -5.29 -45.76
C SER A 105 34.70 -4.46 -44.94
N ARG A 106 34.19 -3.50 -44.16
CA ARG A 106 35.04 -2.64 -43.32
C ARG A 106 35.65 -3.38 -42.11
N VAL A 107 34.87 -4.30 -41.53
CA VAL A 107 35.35 -5.19 -40.48
C VAL A 107 36.52 -6.05 -41.00
N ALA A 108 36.36 -6.61 -42.20
CA ALA A 108 37.42 -7.35 -42.86
C ALA A 108 38.65 -6.48 -43.13
N GLN A 109 38.43 -5.25 -43.61
CA GLN A 109 39.52 -4.31 -43.86
C GLN A 109 40.28 -3.95 -42.58
N ALA A 110 39.57 -3.96 -41.45
CA ALA A 110 40.18 -3.76 -40.14
C ALA A 110 40.97 -4.98 -39.69
N GLY A 111 40.81 -6.09 -40.42
CA GLY A 111 41.56 -7.31 -40.17
C GLY A 111 40.83 -8.38 -39.37
N PHE A 112 39.50 -8.31 -39.34
CA PHE A 112 38.70 -9.26 -38.55
C PHE A 112 37.89 -10.21 -39.43
N ALA A 113 37.78 -11.46 -38.98
CA ALA A 113 36.88 -12.44 -39.59
C ALA A 113 35.71 -12.71 -38.67
N ILE A 114 34.52 -12.82 -39.24
CA ILE A 114 33.31 -13.03 -38.45
C ILE A 114 33.15 -14.52 -38.17
N ARG A 115 32.94 -14.86 -36.90
CA ARG A 115 32.82 -16.25 -36.49
C ARG A 115 31.36 -16.68 -36.35
N ASN A 116 30.54 -15.88 -35.65
CA ASN A 116 29.10 -16.13 -35.58
C ASN A 116 28.29 -14.90 -35.24
N VAL A 117 27.00 -14.93 -35.58
CA VAL A 117 26.05 -13.92 -35.16
C VAL A 117 24.83 -14.60 -34.52
N ASP A 118 24.35 -14.03 -33.42
CA ASP A 118 23.08 -14.41 -32.81
C ASP A 118 22.26 -13.15 -32.61
N SER A 119 20.93 -13.29 -32.63
CA SER A 119 20.06 -12.13 -32.60
C SER A 119 18.65 -12.45 -32.12
N THR A 120 17.95 -11.42 -31.65
CA THR A 120 16.56 -11.53 -31.24
C THR A 120 15.73 -10.40 -31.84
N ILE A 121 14.50 -10.73 -32.25
CA ILE A 121 13.54 -9.74 -32.70
C ILE A 121 12.29 -9.78 -31.80
N ILE A 122 11.85 -8.60 -31.35
CA ILE A 122 10.71 -8.51 -30.44
C ILE A 122 9.57 -7.67 -31.03
N ALA A 123 8.42 -8.32 -31.25
CA ALA A 123 7.26 -7.67 -31.83
C ALA A 123 5.96 -8.31 -31.37
N GLN A 124 4.95 -7.48 -31.11
CA GLN A 124 3.60 -7.95 -30.79
C GLN A 124 2.94 -8.56 -32.02
N ALA A 125 3.21 -7.96 -33.18
CA ALA A 125 2.65 -8.39 -34.46
C ALA A 125 3.46 -7.80 -35.60
N PRO A 126 3.46 -8.43 -36.80
CA PRO A 126 2.81 -9.71 -37.12
C PRO A 126 3.63 -10.90 -36.63
N LYS A 127 3.20 -12.11 -36.98
CA LYS A 127 3.96 -13.32 -36.69
C LYS A 127 5.26 -13.30 -37.48
N LEU A 128 6.38 -13.53 -36.80
CA LEU A 128 7.69 -13.46 -37.44
C LEU A 128 8.30 -14.84 -37.69
N ALA A 129 7.84 -15.85 -36.96
CA ALA A 129 8.35 -17.22 -37.09
C ALA A 129 8.37 -17.77 -38.52
N PRO A 130 7.32 -17.50 -39.33
CA PRO A 130 7.35 -17.99 -40.71
C PRO A 130 8.44 -17.35 -41.58
N HIS A 131 9.07 -16.29 -41.07
CA HIS A 131 10.05 -15.53 -41.85
C HIS A 131 11.50 -15.63 -41.36
N ILE A 132 11.68 -16.29 -40.22
CA ILE A 132 13.00 -16.45 -39.59
C ILE A 132 14.04 -17.12 -40.48
N ASP A 133 13.64 -18.21 -41.13
CA ASP A 133 14.52 -18.95 -42.03
C ASP A 133 15.03 -18.09 -43.19
N ALA A 134 14.14 -17.28 -43.75
CA ALA A 134 14.50 -16.34 -44.81
C ALA A 134 15.47 -15.25 -44.31
N MET A 135 15.18 -14.70 -43.13
CA MET A 135 16.05 -13.71 -42.50
C MET A 135 17.46 -14.27 -42.30
N ARG A 136 17.53 -15.48 -41.75
CA ARG A 136 18.79 -16.16 -41.48
C ARG A 136 19.60 -16.34 -42.77
N ALA A 137 18.91 -16.76 -43.83
CA ALA A 137 19.53 -16.94 -45.15
C ALA A 137 20.08 -15.62 -45.72
N ASN A 138 19.31 -14.54 -45.56
CA ASN A 138 19.76 -13.21 -45.98
C ASN A 138 21.02 -12.77 -45.25
N ILE A 139 21.01 -12.90 -43.92
CA ILE A 139 22.17 -12.54 -43.09
C ILE A 139 23.40 -13.37 -43.45
N ALA A 140 23.19 -14.68 -43.58
CA ALA A 140 24.28 -15.60 -43.90
C ALA A 140 24.94 -15.24 -45.23
N ALA A 141 24.11 -14.93 -46.23
CA ALA A 141 24.60 -14.56 -47.56
C ALA A 141 25.39 -13.26 -47.52
N ASP A 142 24.82 -12.25 -46.87
CA ASP A 142 25.43 -10.93 -46.73
C ASP A 142 26.78 -10.97 -46.02
N LEU A 143 26.90 -11.82 -45.01
CA LEU A 143 28.13 -11.92 -44.23
C LEU A 143 29.10 -12.96 -44.77
N ASP A 144 28.69 -13.67 -45.83
CA ASP A 144 29.45 -14.78 -46.40
C ASP A 144 29.72 -15.85 -45.35
N LEU A 145 28.67 -16.19 -44.60
CA LEU A 145 28.75 -17.20 -43.55
C LEU A 145 27.92 -18.43 -43.94
N PRO A 146 28.30 -19.62 -43.45
CA PRO A 146 27.38 -20.74 -43.53
C PRO A 146 26.19 -20.50 -42.61
N LEU A 147 25.08 -21.17 -42.89
CA LEU A 147 23.84 -21.01 -42.12
C LEU A 147 24.00 -21.33 -40.64
N ASP A 148 24.86 -22.31 -40.33
CA ASP A 148 25.05 -22.76 -38.96
C ASP A 148 25.89 -21.80 -38.10
N ARG A 149 26.23 -20.63 -38.65
CA ARG A 149 26.91 -19.59 -37.89
C ARG A 149 26.02 -18.36 -37.70
N VAL A 150 24.76 -18.49 -38.10
CA VAL A 150 23.79 -17.39 -38.02
C VAL A 150 22.52 -17.86 -37.32
N ASN A 151 22.07 -17.08 -36.34
CA ASN A 151 20.85 -17.41 -35.61
C ASN A 151 19.97 -16.19 -35.36
N VAL A 152 18.66 -16.37 -35.56
CA VAL A 152 17.67 -15.32 -35.31
C VAL A 152 16.52 -15.91 -34.53
N LYS A 153 16.21 -15.29 -33.41
CA LYS A 153 15.14 -15.76 -32.51
C LYS A 153 14.02 -14.73 -32.46
N ALA A 154 12.78 -15.19 -32.59
CA ALA A 154 11.63 -14.31 -32.56
C ALA A 154 10.92 -14.37 -31.20
N LYS A 155 10.54 -13.20 -30.70
CA LYS A 155 9.82 -13.11 -29.42
C LYS A 155 8.74 -12.03 -29.47
N THR A 156 7.76 -12.17 -28.58
CA THR A 156 6.87 -11.08 -28.23
C THR A 156 7.39 -10.52 -26.91
N ASN A 157 6.85 -9.37 -26.50
CA ASN A 157 7.21 -8.79 -25.21
C ASN A 157 6.18 -9.10 -24.13
N GLU A 158 5.40 -10.16 -24.36
CA GLU A 158 4.36 -10.62 -23.42
C GLU A 158 3.41 -9.50 -22.98
N LYS A 159 2.99 -8.68 -23.94
CA LYS A 159 1.99 -7.62 -23.73
C LYS A 159 2.48 -6.44 -22.88
N LEU A 160 3.79 -6.36 -22.65
CA LEU A 160 4.35 -5.31 -21.79
C LEU A 160 4.96 -4.14 -22.56
N GLY A 161 4.72 -2.93 -22.04
CA GLY A 161 5.32 -1.69 -22.58
C GLY A 161 4.92 -1.34 -24.00
N TYR A 162 5.65 -0.39 -24.59
CA TYR A 162 5.36 0.08 -25.95
C TYR A 162 5.42 -1.03 -27.01
N LEU A 163 6.29 -2.02 -26.79
CA LEU A 163 6.36 -3.18 -27.67
C LEU A 163 5.06 -4.00 -27.60
N GLY A 164 4.54 -4.15 -26.38
CA GLY A 164 3.25 -4.81 -26.16
C GLY A 164 2.07 -4.04 -26.75
N ARG A 165 2.19 -2.72 -26.77
CA ARG A 165 1.16 -1.86 -27.36
C ARG A 165 1.32 -1.75 -28.88
N GLY A 166 2.34 -2.40 -29.42
CA GLY A 166 2.56 -2.46 -30.87
C GLY A 166 3.07 -1.18 -31.49
N GLU A 167 3.66 -0.30 -30.66
CA GLU A 167 4.18 1.00 -31.10
C GLU A 167 5.46 0.89 -31.94
N GLY A 168 6.20 -0.19 -31.76
CA GLY A 168 7.45 -0.40 -32.50
C GLY A 168 8.00 -1.80 -32.39
N ILE A 169 9.15 -2.02 -33.03
CA ILE A 169 9.82 -3.32 -32.99
C ILE A 169 11.27 -3.14 -32.55
N GLU A 170 11.73 -4.05 -31.68
CA GLU A 170 13.10 -4.03 -31.17
C GLU A 170 13.90 -5.20 -31.72
N ALA A 171 15.20 -5.00 -31.93
CA ALA A 171 16.11 -6.10 -32.24
C ALA A 171 17.37 -6.03 -31.38
N GLN A 172 17.92 -7.20 -31.06
CA GLN A 172 19.14 -7.31 -30.28
C GLN A 172 20.08 -8.24 -31.02
N ALA A 173 21.38 -7.97 -30.94
CA ALA A 173 22.37 -8.81 -31.62
C ALA A 173 23.65 -8.97 -30.83
N ALA A 174 24.31 -10.10 -31.07
CA ALA A 174 25.62 -10.40 -30.53
C ALA A 174 26.44 -11.02 -31.65
N ALA A 175 27.70 -10.60 -31.75
CA ALA A 175 28.61 -11.10 -32.77
C ALA A 175 29.99 -11.41 -32.19
N LEU A 176 30.57 -12.50 -32.65
CA LEU A 176 31.94 -12.85 -32.29
C LEU A 176 32.83 -12.79 -33.52
N VAL A 177 33.92 -12.03 -33.40
CA VAL A 177 34.92 -11.96 -34.47
C VAL A 177 36.30 -12.34 -33.95
N VAL A 178 37.26 -12.47 -34.86
CA VAL A 178 38.64 -12.77 -34.51
C VAL A 178 39.58 -12.01 -35.44
N ARG A 179 40.59 -11.36 -34.86
CA ARG A 179 41.59 -10.61 -35.61
C ARG A 179 42.57 -11.57 -36.26
N GLU A 180 42.54 -11.63 -37.59
CA GLU A 180 43.31 -12.60 -38.37
C GLU A 180 44.78 -12.20 -38.54
N MET B 22 43.34 -20.40 -23.68
CA MET B 22 42.06 -20.44 -24.46
C MET B 22 40.81 -20.53 -23.58
N ASP B 23 40.97 -20.30 -22.27
CA ASP B 23 39.83 -20.29 -21.35
C ASP B 23 39.11 -18.94 -21.38
N PHE B 24 38.39 -18.70 -22.47
CA PHE B 24 37.63 -17.46 -22.66
C PHE B 24 36.32 -17.51 -21.89
N ARG B 25 35.87 -16.34 -21.45
CA ARG B 25 34.58 -16.18 -20.77
C ARG B 25 33.95 -14.89 -21.24
N ILE B 26 32.63 -14.89 -21.43
CA ILE B 26 31.92 -13.66 -21.78
C ILE B 26 31.03 -13.15 -20.67
N GLY B 27 30.84 -11.84 -20.63
CA GLY B 27 29.98 -11.20 -19.65
C GLY B 27 29.13 -10.15 -20.30
N GLN B 28 27.96 -9.89 -19.72
CA GLN B 28 27.04 -8.88 -20.22
C GLN B 28 26.54 -8.00 -19.10
N GLY B 29 26.23 -6.74 -19.43
CA GLY B 29 25.86 -5.75 -18.42
C GLY B 29 24.69 -4.89 -18.84
N TYR B 30 23.91 -4.50 -17.84
CA TYR B 30 22.74 -3.65 -18.04
C TYR B 30 22.67 -2.66 -16.90
N ASP B 31 22.40 -1.41 -17.25
CA ASP B 31 22.08 -0.41 -16.24
C ASP B 31 21.13 0.63 -16.81
N VAL B 32 20.35 1.24 -15.93
CA VAL B 32 19.48 2.36 -16.27
C VAL B 32 19.34 3.27 -15.06
N HIS B 33 19.32 4.56 -15.29
CA HIS B 33 19.09 5.54 -14.23
C HIS B 33 18.11 6.59 -14.71
N GLN B 34 17.36 7.16 -13.76
CA GLN B 34 16.44 8.25 -14.06
C GLN B 34 17.18 9.54 -14.35
N LEU B 35 16.61 10.33 -15.27
CA LEU B 35 17.14 11.65 -15.60
CA LEU B 35 17.14 11.65 -15.60
C LEU B 35 16.39 12.69 -14.77
N VAL B 36 17.11 13.38 -13.87
CA VAL B 36 16.49 14.37 -12.98
C VAL B 36 17.28 15.70 -12.94
N PRO B 37 16.57 16.83 -12.73
CA PRO B 37 17.27 18.10 -12.49
C PRO B 37 18.04 18.10 -11.17
N GLY B 38 19.06 18.93 -11.07
CA GLY B 38 19.87 19.04 -9.85
C GLY B 38 20.93 17.96 -9.72
N ARG B 39 21.27 17.33 -10.84
CA ARG B 39 22.32 16.31 -10.90
C ARG B 39 23.16 16.52 -12.16
N PRO B 40 24.48 16.27 -12.07
CA PRO B 40 25.30 16.35 -13.28
C PRO B 40 25.10 15.11 -14.15
N LEU B 41 25.23 15.28 -15.48
CA LEU B 41 25.18 14.14 -16.39
C LEU B 41 26.58 13.63 -16.67
N ILE B 42 26.91 12.47 -16.09
CA ILE B 42 28.22 11.85 -16.27
C ILE B 42 28.05 10.46 -16.91
N ILE B 43 28.61 10.31 -18.11
CA ILE B 43 28.55 9.07 -18.89
C ILE B 43 29.93 8.73 -19.42
N GLY B 44 30.41 7.53 -19.09
CA GLY B 44 31.75 7.10 -19.49
C GLY B 44 32.81 7.99 -18.88
N GLY B 45 32.51 8.54 -17.71
CA GLY B 45 33.39 9.45 -17.00
C GLY B 45 33.42 10.87 -17.55
N VAL B 46 32.56 11.15 -18.53
CA VAL B 46 32.49 12.47 -19.17
C VAL B 46 31.29 13.25 -18.67
N THR B 47 31.57 14.43 -18.10
CA THR B 47 30.51 15.35 -17.69
C THR B 47 30.01 16.06 -18.93
N ILE B 48 28.74 15.81 -19.27
CA ILE B 48 28.13 16.38 -20.46
C ILE B 48 27.15 17.46 -20.04
N PRO B 49 27.32 18.69 -20.58
CA PRO B 49 26.42 19.80 -20.28
C PRO B 49 24.98 19.45 -20.62
N TYR B 50 24.11 19.48 -19.62
CA TYR B 50 22.70 19.14 -19.80
C TYR B 50 21.86 19.67 -18.65
N GLU B 51 20.58 19.88 -18.92
CA GLU B 51 19.64 20.44 -17.94
C GLU B 51 19.32 19.45 -16.82
N ARG B 52 19.57 18.17 -17.08
CA ARG B 52 19.36 17.11 -16.11
C ARG B 52 20.57 16.17 -16.03
N GLY B 53 20.61 15.38 -14.96
CA GLY B 53 21.63 14.36 -14.77
C GLY B 53 21.00 13.11 -14.22
N LEU B 54 21.82 12.08 -14.03
CA LEU B 54 21.34 10.78 -13.57
C LEU B 54 21.36 10.65 -12.04
N LEU B 55 20.34 10.00 -11.50
CA LEU B 55 20.22 9.76 -10.06
C LEU B 55 20.64 8.34 -9.70
N SER B 58 26.03 6.57 -6.02
CA SER B 58 27.03 6.66 -7.08
C SER B 58 26.84 7.96 -7.87
N ASP B 59 27.82 8.28 -8.72
CA ASP B 59 27.66 9.37 -9.70
C ASP B 59 26.65 8.97 -10.79
N ALA B 60 26.11 7.75 -10.63
CA ALA B 60 25.07 7.19 -11.51
C ALA B 60 25.52 7.00 -12.95
N ASP B 61 26.83 6.84 -13.16
CA ASP B 61 27.39 6.69 -14.51
C ASP B 61 26.95 5.36 -15.09
N VAL B 62 25.85 5.41 -15.84
CA VAL B 62 25.18 4.25 -16.39
C VAL B 62 26.07 3.37 -17.28
N LEU B 63 26.93 4.00 -18.07
CA LEU B 63 27.81 3.25 -18.97
C LEU B 63 28.84 2.44 -18.18
N LEU B 64 29.54 3.10 -17.26
CA LEU B 64 30.57 2.44 -16.46
C LEU B 64 30.01 1.31 -15.59
N HIS B 65 28.81 1.50 -15.02
CA HIS B 65 28.18 0.45 -14.22
C HIS B 65 27.87 -0.80 -15.06
N ALA B 66 27.37 -0.60 -16.29
CA ALA B 66 27.08 -1.73 -17.19
C ALA B 66 28.33 -2.49 -17.57
N ILE B 67 29.40 -1.74 -17.86
CA ILE B 67 30.70 -2.34 -18.16
C ILE B 67 31.24 -3.09 -16.94
N THR B 68 31.11 -2.47 -15.77
CA THR B 68 31.52 -3.08 -14.50
C THR B 68 30.79 -4.40 -14.26
N ASP B 69 29.47 -4.40 -14.45
CA ASP B 69 28.67 -5.62 -14.30
C ASP B 69 29.09 -6.72 -15.28
N ALA B 70 29.33 -6.35 -16.53
CA ALA B 70 29.78 -7.29 -17.57
C ALA B 70 31.12 -7.94 -17.22
N LEU B 71 32.01 -7.15 -16.62
CA LEU B 71 33.32 -7.67 -16.23
C LEU B 71 33.24 -8.65 -15.05
N PHE B 72 32.46 -8.29 -14.03
CA PHE B 72 32.17 -9.18 -12.90
C PHE B 72 31.49 -10.46 -13.40
N GLY B 73 30.57 -10.30 -14.35
CA GLY B 73 29.86 -11.43 -14.94
C GLY B 73 30.77 -12.39 -15.67
N ALA B 74 31.73 -11.85 -16.41
CA ALA B 74 32.67 -12.65 -17.19
C ALA B 74 33.59 -13.47 -16.29
N ALA B 75 33.94 -12.90 -15.13
CA ALA B 75 34.82 -13.54 -14.15
C ALA B 75 34.02 -14.36 -13.13
N ALA B 76 32.71 -14.38 -13.29
CA ALA B 76 31.78 -15.08 -12.39
C ALA B 76 31.94 -14.66 -10.92
N LEU B 77 32.02 -13.35 -10.70
CA LEU B 77 32.25 -12.78 -9.38
C LEU B 77 31.02 -12.11 -8.77
N GLY B 78 29.85 -12.30 -9.38
CA GLY B 78 28.62 -11.71 -8.88
C GLY B 78 28.20 -10.49 -9.67
N ASP B 79 27.90 -9.40 -8.97
CA ASP B 79 27.49 -8.16 -9.60
C ASP B 79 27.96 -6.91 -8.84
N ILE B 80 27.76 -5.74 -9.47
CA ILE B 80 28.23 -4.47 -8.95
C ILE B 80 27.60 -4.06 -7.61
N GLY B 81 26.31 -4.37 -7.45
CA GLY B 81 25.60 -4.07 -6.21
C GLY B 81 26.17 -4.80 -5.01
N ARG B 82 26.66 -6.02 -5.25
CA ARG B 82 27.28 -6.83 -4.19
C ARG B 82 28.68 -6.34 -3.84
N HIS B 83 29.47 -5.98 -4.85
CA HIS B 83 30.83 -5.51 -4.63
C HIS B 83 30.88 -4.08 -4.08
N PHE B 84 30.04 -3.20 -4.63
CA PHE B 84 30.06 -1.80 -4.27
C PHE B 84 28.66 -1.34 -3.85
N SER B 85 28.25 -1.76 -2.65
CA SER B 85 26.92 -1.49 -2.14
C SER B 85 26.81 -0.10 -1.52
N ASP B 86 25.77 0.10 -0.72
CA ASP B 86 25.60 1.33 0.05
C ASP B 86 26.12 1.09 1.46
N THR B 87 27.32 0.50 1.54
CA THR B 87 27.99 0.18 2.78
C THR B 87 29.48 -0.01 2.53
N ARG B 90 33.14 2.09 2.96
CA ARG B 90 34.38 1.89 2.22
C ARG B 90 34.39 2.67 0.91
N PHE B 91 33.37 2.43 0.08
CA PHE B 91 33.29 3.02 -1.26
C PHE B 91 32.32 4.20 -1.33
N LYS B 92 32.01 4.80 -0.18
CA LYS B 92 31.16 5.98 -0.12
C LYS B 92 31.89 7.19 -0.70
N GLY B 93 31.24 7.88 -1.63
CA GLY B 93 31.84 9.04 -2.30
C GLY B 93 32.73 8.70 -3.48
N ALA B 94 32.98 7.41 -3.69
CA ALA B 94 33.81 6.96 -4.81
C ALA B 94 33.05 7.07 -6.14
N ASP B 95 33.68 7.69 -7.13
CA ASP B 95 33.08 7.83 -8.46
C ASP B 95 33.15 6.52 -9.25
N SER B 96 32.41 6.44 -10.33
CA SER B 96 32.27 5.17 -11.07
C SER B 96 33.53 4.73 -11.82
N ARG B 97 34.42 5.69 -12.13
CA ARG B 97 35.73 5.35 -12.71
C ARG B 97 36.61 4.63 -11.70
N ALA B 98 36.58 5.06 -10.44
CA ALA B 98 37.31 4.37 -9.37
C ALA B 98 36.74 2.97 -9.13
N LEU B 99 35.41 2.85 -9.17
CA LEU B 99 34.76 1.55 -9.02
C LEU B 99 35.13 0.60 -10.16
N LEU B 100 35.20 1.13 -11.38
CA LEU B 100 35.63 0.35 -12.55
C LEU B 100 37.07 -0.15 -12.40
N ARG B 101 37.97 0.75 -11.97
CA ARG B 101 39.37 0.37 -11.71
C ARG B 101 39.47 -0.72 -10.64
N GLU B 102 38.66 -0.59 -9.58
CA GLU B 102 38.59 -1.62 -8.53
C GLU B 102 38.02 -2.94 -9.04
N CYS B 103 37.01 -2.85 -9.91
CA CYS B 103 36.46 -4.03 -10.60
C CYS B 103 37.53 -4.75 -11.41
N ALA B 104 38.25 -4.00 -12.25
CA ALA B 104 39.33 -4.56 -13.09
C ALA B 104 40.40 -5.25 -12.25
N SER B 105 40.76 -4.63 -11.12
CA SER B 105 41.73 -5.19 -10.18
C SER B 105 41.30 -6.57 -9.67
N ARG B 106 40.05 -6.68 -9.26
CA ARG B 106 39.49 -7.93 -8.75
C ARG B 106 39.38 -9.01 -9.83
N VAL B 107 39.06 -8.58 -11.05
CA VAL B 107 39.06 -9.48 -12.21
C VAL B 107 40.48 -10.02 -12.45
N ALA B 108 41.48 -9.14 -12.39
CA ALA B 108 42.88 -9.54 -12.55
C ALA B 108 43.34 -10.49 -11.43
N GLN B 109 42.93 -10.19 -10.19
CA GLN B 109 43.25 -11.07 -9.04
C GLN B 109 42.60 -12.45 -9.17
N ALA B 110 41.43 -12.51 -9.81
CA ALA B 110 40.75 -13.77 -10.11
C ALA B 110 41.49 -14.56 -11.19
N GLY B 111 42.44 -13.90 -11.85
CA GLY B 111 43.32 -14.54 -12.82
C GLY B 111 42.90 -14.33 -14.27
N PHE B 112 42.06 -13.34 -14.53
CA PHE B 112 41.57 -13.08 -15.88
C PHE B 112 42.18 -11.84 -16.50
N ALA B 113 42.39 -11.89 -17.81
CA ALA B 113 42.82 -10.72 -18.57
C ALA B 113 41.67 -10.27 -19.47
N ILE B 114 41.41 -8.96 -19.49
CA ILE B 114 40.36 -8.38 -20.33
C ILE B 114 40.82 -8.32 -21.79
N ARG B 115 39.99 -8.85 -22.70
CA ARG B 115 40.33 -8.86 -24.12
C ARG B 115 39.67 -7.73 -24.93
N ASN B 116 38.39 -7.46 -24.67
CA ASN B 116 37.69 -6.33 -25.29
C ASN B 116 36.38 -6.00 -24.59
N VAL B 117 35.94 -4.75 -24.75
CA VAL B 117 34.65 -4.29 -24.25
C VAL B 117 33.91 -3.58 -25.38
N ASP B 118 32.63 -3.90 -25.53
CA ASP B 118 31.74 -3.17 -26.43
C ASP B 118 30.55 -2.70 -25.61
N SER B 119 29.90 -1.63 -26.06
CA SER B 119 28.80 -1.06 -25.30
C SER B 119 27.90 -0.17 -26.13
N THR B 120 26.70 0.04 -25.63
CA THR B 120 25.72 0.94 -26.24
C THR B 120 25.09 1.80 -25.14
N ILE B 121 25.02 3.11 -25.39
CA ILE B 121 24.23 4.00 -24.56
C ILE B 121 22.95 4.34 -25.31
N ILE B 122 21.81 4.24 -24.62
CA ILE B 122 20.54 4.66 -25.20
C ILE B 122 20.03 5.92 -24.51
N ALA B 123 20.09 7.04 -25.23
CA ALA B 123 19.55 8.29 -24.74
C ALA B 123 18.89 9.05 -25.88
N GLN B 124 17.68 9.55 -25.65
CA GLN B 124 16.98 10.36 -26.65
C GLN B 124 17.70 11.69 -26.84
N ALA B 125 18.25 12.22 -25.74
CA ALA B 125 18.99 13.48 -25.71
C ALA B 125 19.84 13.49 -24.44
N PRO B 126 20.97 14.23 -24.44
CA PRO B 126 21.55 15.04 -25.51
C PRO B 126 22.28 14.17 -26.53
N LYS B 127 22.94 14.82 -27.50
CA LYS B 127 23.80 14.13 -28.47
C LYS B 127 25.05 13.62 -27.78
N LEU B 128 25.39 12.35 -28.03
CA LEU B 128 26.52 11.72 -27.33
C LEU B 128 27.71 11.44 -28.24
N ALA B 129 27.49 11.48 -29.55
CA ALA B 129 28.55 11.19 -30.53
C ALA B 129 29.84 12.01 -30.35
N PRO B 130 29.74 13.33 -30.11
CA PRO B 130 30.96 14.13 -29.91
C PRO B 130 31.72 13.78 -28.63
N HIS B 131 31.16 12.90 -27.81
CA HIS B 131 31.77 12.52 -26.53
C HIS B 131 32.25 11.07 -26.50
N ILE B 132 31.98 10.33 -27.58
CA ILE B 132 32.34 8.91 -27.67
C ILE B 132 33.84 8.64 -27.43
N ASP B 133 34.70 9.35 -28.15
CA ASP B 133 36.15 9.20 -28.03
C ASP B 133 36.69 9.50 -26.63
N ALA B 134 36.11 10.52 -25.99
CA ALA B 134 36.45 10.85 -24.60
C ALA B 134 36.11 9.68 -23.68
N MET B 135 34.91 9.13 -23.86
CA MET B 135 34.44 7.98 -23.07
C MET B 135 35.35 6.77 -23.26
N ARG B 136 35.66 6.46 -24.51
CA ARG B 136 36.57 5.36 -24.85
C ARG B 136 37.91 5.47 -24.15
N ALA B 137 38.50 6.67 -24.17
CA ALA B 137 39.81 6.91 -23.56
C ALA B 137 39.79 6.71 -22.05
N ASN B 138 38.71 7.16 -21.41
CA ASN B 138 38.53 6.96 -19.97
C ASN B 138 38.45 5.47 -19.61
N ILE B 139 37.58 4.75 -20.32
CA ILE B 139 37.39 3.31 -20.12
C ILE B 139 38.68 2.53 -20.38
N ALA B 140 39.32 2.81 -21.51
CA ALA B 140 40.60 2.18 -21.86
C ALA B 140 41.67 2.39 -20.79
N ALA B 141 41.79 3.63 -20.30
CA ALA B 141 42.74 3.96 -19.24
C ALA B 141 42.43 3.20 -17.95
N ASP B 142 41.15 3.14 -17.58
CA ASP B 142 40.73 2.46 -16.35
C ASP B 142 40.93 0.94 -16.41
N LEU B 143 40.83 0.40 -17.62
CA LEU B 143 41.00 -1.04 -17.83
C LEU B 143 42.41 -1.42 -18.28
N ASP B 144 43.30 -0.43 -18.42
CA ASP B 144 44.66 -0.63 -18.95
C ASP B 144 44.60 -1.41 -20.27
N LEU B 145 43.74 -0.94 -21.17
CA LEU B 145 43.57 -1.55 -22.49
C LEU B 145 43.97 -0.58 -23.58
N PRO B 146 44.50 -1.10 -24.70
CA PRO B 146 44.65 -0.23 -25.86
C PRO B 146 43.29 0.29 -26.32
N LEU B 147 43.29 1.48 -26.92
CA LEU B 147 42.06 2.12 -27.37
C LEU B 147 41.27 1.21 -28.33
N ASP B 148 41.96 0.44 -29.16
CA ASP B 148 41.30 -0.38 -30.18
C ASP B 148 40.60 -1.64 -29.63
N ARG B 149 40.58 -1.80 -28.31
CA ARG B 149 39.88 -2.91 -27.66
C ARG B 149 38.67 -2.44 -26.85
N VAL B 150 38.39 -1.15 -26.92
CA VAL B 150 37.23 -0.55 -26.24
C VAL B 150 36.33 0.14 -27.26
N ASN B 151 35.04 -0.15 -27.20
CA ASN B 151 34.08 0.48 -28.10
C ASN B 151 32.84 0.97 -27.36
N VAL B 152 32.34 2.13 -27.77
CA VAL B 152 31.13 2.73 -27.20
C VAL B 152 30.22 3.20 -28.33
N LYS B 153 28.97 2.76 -28.31
CA LYS B 153 28.01 3.12 -29.36
C LYS B 153 26.86 3.94 -28.78
N ALA B 154 26.22 4.76 -29.62
CA ALA B 154 25.16 5.64 -29.16
C ALA B 154 23.88 5.46 -29.98
N LYS B 155 22.75 5.40 -29.27
CA LYS B 155 21.45 5.21 -29.91
C LYS B 155 20.40 6.07 -29.22
N THR B 156 19.44 6.55 -30.00
CA THR B 156 18.18 7.08 -29.45
C THR B 156 17.22 5.90 -29.31
N ASN B 157 16.08 6.12 -28.67
CA ASN B 157 15.05 5.09 -28.63
C ASN B 157 13.87 5.39 -29.54
N GLU B 158 14.09 6.31 -30.47
CA GLU B 158 13.09 6.70 -31.48
C GLU B 158 11.79 7.20 -30.87
N LYS B 159 11.90 7.96 -29.77
CA LYS B 159 10.75 8.55 -29.07
C LYS B 159 9.85 7.47 -28.43
N LEU B 160 10.36 6.25 -28.31
CA LEU B 160 9.58 5.15 -27.75
C LEU B 160 9.94 4.88 -26.30
N GLY B 161 8.90 4.72 -25.46
CA GLY B 161 9.06 4.33 -24.07
C GLY B 161 9.63 5.41 -23.17
N TYR B 162 10.00 5.03 -21.95
CA TYR B 162 10.56 5.98 -20.99
C TYR B 162 11.90 6.55 -21.43
N LEU B 163 12.67 5.75 -22.17
CA LEU B 163 13.92 6.25 -22.76
C LEU B 163 13.63 7.29 -23.84
N GLY B 164 12.67 6.99 -24.71
CA GLY B 164 12.29 7.88 -25.80
C GLY B 164 11.61 9.16 -25.32
N ARG B 165 10.96 9.09 -24.17
CA ARG B 165 10.35 10.26 -23.53
C ARG B 165 11.38 11.03 -22.68
N GLY B 166 12.60 10.50 -22.63
CA GLY B 166 13.72 11.15 -21.94
C GLY B 166 13.66 11.10 -20.42
N GLU B 167 12.97 10.08 -19.88
CA GLU B 167 12.84 9.91 -18.43
C GLU B 167 14.09 9.27 -17.82
N GLY B 168 14.86 8.58 -18.65
CA GLY B 168 16.09 7.95 -18.20
C GLY B 168 17.04 7.64 -19.34
N ILE B 169 18.21 7.10 -18.99
CA ILE B 169 19.23 6.67 -19.95
C ILE B 169 19.66 5.25 -19.61
N GLU B 170 19.76 4.41 -20.64
CA GLU B 170 20.15 3.01 -20.48
C GLU B 170 21.53 2.77 -21.08
N ALA B 171 22.27 1.84 -20.50
CA ALA B 171 23.52 1.36 -21.10
C ALA B 171 23.55 -0.16 -21.11
N GLN B 172 24.10 -0.71 -22.20
CA GLN B 172 24.32 -2.15 -22.34
C GLN B 172 25.80 -2.37 -22.57
N ALA B 173 26.34 -3.48 -22.04
CA ALA B 173 27.75 -3.78 -22.23
C ALA B 173 28.01 -5.27 -22.43
N ALA B 174 29.09 -5.56 -23.16
CA ALA B 174 29.60 -6.92 -23.34
C ALA B 174 31.10 -6.87 -23.13
N ALA B 175 31.63 -7.88 -22.42
CA ALA B 175 33.07 -7.98 -22.20
C ALA B 175 33.55 -9.40 -22.42
N LEU B 176 34.72 -9.52 -23.05
CA LEU B 176 35.38 -10.81 -23.22
C LEU B 176 36.66 -10.83 -22.40
N VAL B 177 36.81 -11.88 -21.60
CA VAL B 177 38.03 -12.07 -20.83
C VAL B 177 38.66 -13.43 -21.15
N VAL B 178 39.89 -13.65 -20.68
CA VAL B 178 40.55 -14.95 -20.80
C VAL B 178 41.32 -15.28 -19.53
N ARG B 179 41.27 -16.52 -19.09
CA ARG B 179 42.09 -16.97 -17.95
C ARG B 179 43.45 -17.49 -18.42
N MET C 22 40.34 -22.33 -32.60
CA MET C 22 39.15 -22.99 -31.96
C MET C 22 37.84 -22.33 -32.36
N ASP C 23 36.78 -23.14 -32.35
CA ASP C 23 35.49 -22.74 -32.90
C ASP C 23 34.56 -22.25 -31.80
N PHE C 24 34.85 -21.06 -31.27
CA PHE C 24 34.00 -20.44 -30.26
C PHE C 24 32.76 -19.82 -30.91
N ARG C 25 31.66 -19.80 -30.17
CA ARG C 25 30.43 -19.16 -30.61
C ARG C 25 29.79 -18.46 -29.43
N ILE C 26 29.16 -17.31 -29.68
CA ILE C 26 28.42 -16.62 -28.63
C ILE C 26 26.92 -16.57 -28.91
N GLY C 27 26.14 -16.55 -27.83
CA GLY C 27 24.69 -16.44 -27.91
C GLY C 27 24.18 -15.45 -26.90
N GLN C 28 22.99 -14.92 -27.16
CA GLN C 28 22.36 -13.95 -26.28
C GLN C 28 20.87 -14.28 -26.12
N GLY C 29 20.37 -14.15 -24.91
CA GLY C 29 18.99 -14.50 -24.62
C GLY C 29 18.24 -13.37 -23.96
N TYR C 30 16.95 -13.26 -24.30
CA TYR C 30 16.06 -12.26 -23.70
C TYR C 30 14.72 -12.91 -23.38
N ASP C 31 14.19 -12.61 -22.20
CA ASP C 31 12.85 -13.04 -21.85
C ASP C 31 12.21 -12.07 -20.86
N VAL C 32 10.88 -11.98 -20.92
CA VAL C 32 10.10 -11.14 -20.00
C VAL C 32 8.71 -11.76 -19.80
N HIS C 33 8.24 -11.75 -18.55
CA HIS C 33 6.90 -12.22 -18.22
C HIS C 33 6.21 -11.27 -17.26
N GLN C 34 4.90 -11.16 -17.40
CA GLN C 34 4.08 -10.37 -16.47
C GLN C 34 4.01 -10.99 -15.08
N LEU C 35 3.99 -10.13 -14.06
CA LEU C 35 3.78 -10.56 -12.69
C LEU C 35 2.29 -10.49 -12.37
N VAL C 36 1.71 -11.64 -12.08
CA VAL C 36 0.27 -11.74 -11.82
C VAL C 36 -0.02 -12.52 -10.53
N PRO C 37 -1.21 -12.29 -9.92
CA PRO C 37 -1.68 -13.19 -8.87
C PRO C 37 -2.57 -14.30 -9.46
N GLY C 38 -2.62 -15.49 -8.84
CA GLY C 38 -1.77 -15.87 -7.72
C GLY C 38 -0.98 -17.08 -8.16
N ARG C 39 0.09 -16.81 -8.90
CA ARG C 39 1.01 -17.84 -9.36
C ARG C 39 2.29 -17.78 -8.51
N PRO C 40 3.00 -18.90 -8.39
CA PRO C 40 4.26 -18.85 -7.62
C PRO C 40 5.38 -18.19 -8.41
N LEU C 41 6.29 -17.53 -7.71
CA LEU C 41 7.44 -16.87 -8.34
C LEU C 41 8.64 -17.80 -8.37
N ILE C 42 8.96 -18.31 -9.56
CA ILE C 42 10.09 -19.20 -9.77
C ILE C 42 11.09 -18.56 -10.74
N ILE C 43 12.30 -18.31 -10.26
CA ILE C 43 13.39 -17.73 -11.06
C ILE C 43 14.67 -18.52 -10.80
N GLY C 44 15.31 -19.00 -11.87
CA GLY C 44 16.48 -19.86 -11.75
C GLY C 44 16.18 -21.17 -11.04
N GLY C 45 14.93 -21.63 -11.14
CA GLY C 45 14.48 -22.87 -10.50
C GLY C 45 14.20 -22.73 -9.01
N VAL C 46 14.27 -21.50 -8.50
CA VAL C 46 14.10 -21.22 -7.07
C VAL C 46 12.75 -20.54 -6.82
N THR C 47 11.91 -21.18 -6.02
CA THR C 47 10.65 -20.57 -5.59
C THR C 47 10.95 -19.48 -4.56
N ILE C 48 10.47 -18.28 -4.83
CA ILE C 48 10.71 -17.12 -3.99
C ILE C 48 9.39 -16.61 -3.44
N PRO C 49 9.29 -16.48 -2.09
CA PRO C 49 8.06 -15.98 -1.46
C PRO C 49 7.68 -14.60 -2.00
N TYR C 50 6.49 -14.52 -2.57
CA TYR C 50 6.00 -13.28 -3.16
C TYR C 50 4.50 -13.39 -3.40
N GLU C 51 3.83 -12.24 -3.34
CA GLU C 51 2.37 -12.19 -3.54
C GLU C 51 1.98 -12.44 -4.98
N ARG C 52 2.90 -12.17 -5.91
CA ARG C 52 2.66 -12.43 -7.32
C ARG C 52 3.68 -13.43 -7.90
N GLY C 53 3.41 -13.88 -9.12
CA GLY C 53 4.29 -14.80 -9.82
C GLY C 53 4.20 -14.58 -11.31
N LEU C 54 5.14 -15.15 -12.05
CA LEU C 54 5.23 -14.93 -13.48
C LEU C 54 4.20 -15.74 -14.27
N LEU C 55 3.58 -15.07 -15.24
CA LEU C 55 2.57 -15.68 -16.09
C LEU C 55 3.19 -16.20 -17.38
N GLY C 56 3.01 -17.50 -17.62
CA GLY C 56 3.43 -18.12 -18.88
C GLY C 56 2.73 -19.46 -19.10
N HIS C 57 2.99 -20.08 -20.26
CA HIS C 57 2.44 -21.40 -20.57
C HIS C 57 3.11 -22.50 -19.73
N SER C 58 4.40 -22.31 -19.43
CA SER C 58 5.13 -23.18 -18.52
C SER C 58 5.14 -22.58 -17.11
N ASP C 59 6.19 -22.86 -16.34
CA ASP C 59 6.39 -22.23 -15.04
C ASP C 59 6.86 -20.77 -15.19
N ALA C 60 7.09 -20.36 -16.43
CA ALA C 60 7.48 -18.99 -16.79
C ALA C 60 8.77 -18.52 -16.11
N ASP C 61 9.71 -19.45 -15.93
CA ASP C 61 11.01 -19.12 -15.35
C ASP C 61 11.79 -18.28 -16.34
N VAL C 62 11.74 -16.98 -16.13
CA VAL C 62 12.29 -15.99 -17.05
C VAL C 62 13.82 -16.09 -17.19
N LEU C 63 14.49 -16.41 -16.09
CA LEU C 63 15.95 -16.54 -16.09
C LEU C 63 16.38 -17.74 -16.92
N LEU C 64 15.74 -18.88 -16.66
CA LEU C 64 16.08 -20.11 -17.36
C LEU C 64 15.72 -20.08 -18.85
N HIS C 65 14.63 -19.40 -19.18
CA HIS C 65 14.24 -19.22 -20.58
C HIS C 65 15.29 -18.44 -21.35
N ALA C 66 15.71 -17.31 -20.78
CA ALA C 66 16.76 -16.46 -21.36
C ALA C 66 18.09 -17.22 -21.54
N ILE C 67 18.52 -17.94 -20.51
CA ILE C 67 19.72 -18.78 -20.61
C ILE C 67 19.56 -19.85 -21.71
N THR C 68 18.41 -20.53 -21.70
CA THR C 68 18.08 -21.54 -22.71
C THR C 68 18.19 -21.00 -24.15
N ASP C 69 17.62 -19.81 -24.38
CA ASP C 69 17.66 -19.19 -25.70
C ASP C 69 19.08 -18.75 -26.10
N ALA C 70 19.85 -18.28 -25.13
CA ALA C 70 21.24 -17.85 -25.37
C ALA C 70 22.08 -19.04 -25.84
N LEU C 71 21.85 -20.19 -25.23
CA LEU C 71 22.54 -21.43 -25.57
C LEU C 71 22.15 -21.98 -26.94
N PHE C 72 20.85 -21.98 -27.25
CA PHE C 72 20.37 -22.36 -28.58
C PHE C 72 20.91 -21.38 -29.63
N GLY C 73 21.00 -20.10 -29.25
CA GLY C 73 21.54 -19.07 -30.14
C GLY C 73 22.99 -19.28 -30.48
N ALA C 74 23.80 -19.58 -29.46
CA ALA C 74 25.23 -19.85 -29.63
C ALA C 74 25.50 -21.07 -30.50
N ALA C 75 24.69 -22.11 -30.35
CA ALA C 75 24.84 -23.33 -31.13
C ALA C 75 24.10 -23.23 -32.47
N ALA C 76 23.42 -22.10 -32.68
CA ALA C 76 22.59 -21.86 -33.87
C ALA C 76 21.53 -22.93 -34.07
N LEU C 77 20.85 -23.28 -32.98
CA LEU C 77 19.80 -24.30 -33.01
C LEU C 77 18.41 -23.68 -32.94
N GLY C 78 18.35 -22.35 -33.05
CA GLY C 78 17.09 -21.62 -33.05
C GLY C 78 16.78 -21.01 -31.70
N ASP C 79 15.63 -21.39 -31.15
CA ASP C 79 15.19 -20.94 -29.83
C ASP C 79 14.35 -22.02 -29.13
N ILE C 80 13.92 -21.73 -27.90
CA ILE C 80 13.14 -22.69 -27.11
C ILE C 80 11.82 -23.03 -27.80
N GLY C 81 11.08 -22.01 -28.24
CA GLY C 81 9.81 -22.19 -28.94
C GLY C 81 9.95 -22.80 -30.33
N ARG C 82 10.99 -23.60 -30.51
CA ARG C 82 11.26 -24.29 -31.77
C ARG C 82 11.47 -25.79 -31.52
N HIS C 83 11.92 -26.13 -30.32
CA HIS C 83 12.25 -27.51 -29.96
C HIS C 83 11.16 -28.20 -29.15
N PHE C 84 10.52 -27.46 -28.26
CA PHE C 84 9.54 -28.03 -27.33
C PHE C 84 8.13 -27.54 -27.61
N ALA C 94 6.73 -30.54 -18.76
CA ALA C 94 8.06 -30.42 -18.17
C ALA C 94 8.39 -28.99 -17.78
N ASP C 95 8.99 -28.82 -16.60
CA ASP C 95 9.38 -27.50 -16.11
C ASP C 95 10.61 -26.93 -16.84
N SER C 96 10.98 -25.69 -16.50
CA SER C 96 12.07 -24.99 -17.18
C SER C 96 13.44 -25.63 -16.96
N ARG C 97 13.62 -26.26 -15.79
CA ARG C 97 14.86 -26.97 -15.47
C ARG C 97 15.04 -28.21 -16.35
N ALA C 98 13.95 -28.96 -16.56
CA ALA C 98 13.95 -30.08 -17.48
C ALA C 98 14.27 -29.61 -18.90
N LEU C 99 13.66 -28.48 -19.29
CA LEU C 99 13.90 -27.90 -20.61
C LEU C 99 15.34 -27.39 -20.78
N LEU C 100 15.92 -26.86 -19.71
CA LEU C 100 17.32 -26.44 -19.71
C LEU C 100 18.23 -27.66 -19.86
N ARG C 101 17.88 -28.74 -19.17
CA ARG C 101 18.60 -30.01 -19.31
C ARG C 101 18.51 -30.54 -20.74
N GLU C 102 17.32 -30.49 -21.33
CA GLU C 102 17.12 -30.88 -22.73
C GLU C 102 17.89 -29.98 -23.70
N CYS C 103 17.89 -28.68 -23.42
CA CYS C 103 18.69 -27.72 -24.19
C CYS C 103 20.16 -28.11 -24.19
N ALA C 104 20.70 -28.41 -23.00
CA ALA C 104 22.09 -28.82 -22.84
C ALA C 104 22.41 -30.09 -23.65
N SER C 105 21.46 -31.01 -23.69
CA SER C 105 21.58 -32.23 -24.48
C SER C 105 21.74 -31.94 -25.98
N ARG C 106 20.87 -31.09 -26.51
CA ARG C 106 20.88 -30.74 -27.94
C ARG C 106 22.13 -29.97 -28.33
N VAL C 107 22.61 -29.11 -27.43
CA VAL C 107 23.85 -28.37 -27.60
C VAL C 107 25.04 -29.32 -27.75
N ALA C 108 25.12 -30.30 -26.85
CA ALA C 108 26.20 -31.31 -26.89
C ALA C 108 26.07 -32.20 -28.13
N GLN C 109 24.84 -32.54 -28.49
CA GLN C 109 24.54 -33.34 -29.68
C GLN C 109 25.11 -32.70 -30.94
N ALA C 110 25.00 -31.37 -31.02
CA ALA C 110 25.52 -30.59 -32.14
C ALA C 110 27.04 -30.47 -32.12
N GLY C 111 27.67 -30.94 -31.04
CA GLY C 111 29.12 -30.96 -30.92
C GLY C 111 29.72 -29.79 -30.16
N PHE C 112 28.89 -29.07 -29.40
CA PHE C 112 29.34 -27.90 -28.65
C PHE C 112 29.50 -28.21 -27.17
N ALA C 113 30.54 -27.63 -26.57
CA ALA C 113 30.70 -27.64 -25.12
C ALA C 113 30.44 -26.23 -24.61
N ILE C 114 29.77 -26.13 -23.47
CA ILE C 114 29.48 -24.83 -22.86
C ILE C 114 30.66 -24.37 -22.03
N ARG C 115 31.13 -23.16 -22.29
CA ARG C 115 32.26 -22.60 -21.57
C ARG C 115 31.82 -21.73 -20.38
N ASN C 116 30.90 -20.79 -20.62
CA ASN C 116 30.33 -19.98 -19.52
C ASN C 116 28.98 -19.38 -19.86
N VAL C 117 28.22 -19.07 -18.80
CA VAL C 117 26.96 -18.34 -18.92
C VAL C 117 27.01 -17.14 -17.97
N ASP C 118 26.58 -15.99 -18.46
CA ASP C 118 26.35 -14.81 -17.62
C ASP C 118 24.92 -14.33 -17.84
N SER C 119 24.34 -13.68 -16.85
CA SER C 119 22.94 -13.30 -16.88
C SER C 119 22.63 -12.13 -15.97
N THR C 120 21.51 -11.47 -16.24
CA THR C 120 20.99 -10.41 -15.40
C THR C 120 19.48 -10.55 -15.24
N ILE C 121 19.00 -10.54 -14.00
CA ILE C 121 17.57 -10.43 -13.73
C ILE C 121 17.23 -8.99 -13.39
N ILE C 122 16.22 -8.44 -14.07
CA ILE C 122 15.73 -7.09 -13.74
C ILE C 122 14.38 -7.19 -13.07
N ALA C 123 14.35 -6.83 -11.79
CA ALA C 123 13.15 -6.87 -10.98
C ALA C 123 13.21 -5.78 -9.92
N GLN C 124 12.14 -5.00 -9.83
CA GLN C 124 12.04 -3.96 -8.81
C GLN C 124 11.82 -4.61 -7.45
N ALA C 125 11.05 -5.70 -7.45
CA ALA C 125 10.75 -6.47 -6.24
C ALA C 125 10.46 -7.93 -6.63
N PRO C 126 10.71 -8.88 -5.71
CA PRO C 126 11.33 -8.74 -4.39
C PRO C 126 12.85 -8.78 -4.46
N LYS C 127 13.50 -8.79 -3.30
CA LYS C 127 14.96 -8.89 -3.21
C LYS C 127 15.43 -10.24 -3.76
N LEU C 128 16.39 -10.20 -4.67
CA LEU C 128 16.87 -11.41 -5.36
C LEU C 128 18.21 -11.91 -4.85
N ALA C 129 19.00 -11.00 -4.26
CA ALA C 129 20.35 -11.32 -3.77
C ALA C 129 20.45 -12.58 -2.91
N PRO C 130 19.52 -12.78 -1.94
CA PRO C 130 19.57 -14.00 -1.12
C PRO C 130 19.39 -15.31 -1.89
N HIS C 131 18.83 -15.24 -3.09
CA HIS C 131 18.52 -16.47 -3.84
C HIS C 131 19.45 -16.71 -5.04
N ILE C 132 20.34 -15.74 -5.28
CA ILE C 132 21.24 -15.78 -6.44
CA ILE C 132 21.26 -15.77 -6.42
C ILE C 132 22.09 -17.06 -6.49
N ASP C 133 22.75 -17.39 -5.37
CA ASP C 133 23.63 -18.56 -5.35
C ASP C 133 22.89 -19.92 -5.49
N ALA C 134 21.64 -19.97 -5.04
CA ALA C 134 20.80 -21.15 -5.28
C ALA C 134 20.44 -21.30 -6.77
N MET C 135 20.08 -20.21 -7.42
CA MET C 135 19.84 -20.15 -8.85
C MET C 135 21.01 -20.69 -9.64
N ARG C 136 22.15 -20.17 -9.31
CA ARG C 136 23.39 -20.52 -9.87
C ARG C 136 23.81 -21.97 -9.67
N ALA C 137 23.53 -22.52 -8.51
CA ALA C 137 23.66 -23.94 -8.27
C ALA C 137 22.77 -24.78 -9.19
N ASN C 138 21.52 -24.39 -9.32
CA ASN C 138 20.57 -25.05 -10.21
C ASN C 138 21.03 -25.08 -11.66
N ILE C 139 21.46 -23.92 -12.14
CA ILE C 139 21.94 -23.76 -13.53
C ILE C 139 23.19 -24.60 -13.79
N ALA C 140 24.14 -24.56 -12.85
CA ALA C 140 25.39 -25.31 -12.96
C ALA C 140 25.14 -26.82 -13.02
N ALA C 141 24.18 -27.29 -12.22
CA ALA C 141 23.79 -28.69 -12.21
C ALA C 141 23.14 -29.11 -13.52
N ASP C 142 22.16 -28.34 -13.97
CA ASP C 142 21.43 -28.62 -15.20
C ASP C 142 22.33 -28.61 -16.43
N LEU C 143 23.38 -27.79 -16.39
CA LEU C 143 24.30 -27.66 -17.52
C LEU C 143 25.56 -28.50 -17.38
N ASP C 144 25.70 -29.19 -16.24
CA ASP C 144 26.92 -29.94 -15.93
C ASP C 144 28.17 -29.05 -16.04
N LEU C 145 28.10 -27.88 -15.42
CA LEU C 145 29.22 -26.95 -15.35
C LEU C 145 29.62 -26.72 -13.89
N PRO C 146 30.92 -26.47 -13.65
CA PRO C 146 31.31 -26.02 -12.30
C PRO C 146 30.74 -24.64 -12.00
N LEU C 147 30.55 -24.33 -10.72
CA LEU C 147 29.92 -23.08 -10.29
C LEU C 147 30.61 -21.84 -10.85
N ASP C 148 31.93 -21.88 -10.99
CA ASP C 148 32.69 -20.70 -11.43
C ASP C 148 32.58 -20.38 -12.92
N ARG C 149 31.72 -21.11 -13.63
CA ARG C 149 31.43 -20.83 -15.04
C ARG C 149 29.97 -20.38 -15.23
N VAL C 150 29.29 -20.11 -14.12
CA VAL C 150 27.90 -19.66 -14.12
C VAL C 150 27.78 -18.40 -13.28
N ASN C 151 27.15 -17.36 -13.83
CA ASN C 151 26.95 -16.10 -13.09
C ASN C 151 25.55 -15.53 -13.25
N VAL C 152 24.98 -15.06 -12.14
CA VAL C 152 23.67 -14.43 -12.17
C VAL C 152 23.74 -13.09 -11.43
N LYS C 153 23.30 -12.03 -12.10
CA LYS C 153 23.32 -10.68 -11.56
C LYS C 153 21.91 -10.16 -11.41
N ALA C 154 21.67 -9.32 -10.41
CA ALA C 154 20.35 -8.75 -10.21
C ALA C 154 20.37 -7.23 -10.30
N LYS C 155 19.30 -6.67 -10.87
CA LYS C 155 19.15 -5.23 -11.02
C LYS C 155 17.70 -4.83 -10.74
N THR C 156 17.51 -3.61 -10.24
CA THR C 156 16.19 -2.97 -10.30
C THR C 156 16.14 -2.19 -11.60
N ASN C 157 14.98 -1.64 -11.94
CA ASN C 157 14.89 -0.76 -13.09
C ASN C 157 14.79 0.72 -12.71
N GLU C 158 15.21 1.04 -11.48
CA GLU C 158 15.16 2.41 -10.95
C GLU C 158 13.79 3.04 -11.11
N LYS C 159 12.74 2.27 -10.85
CA LYS C 159 11.35 2.71 -10.93
C LYS C 159 10.92 3.22 -12.32
N LEU C 160 11.56 2.72 -13.36
CA LEU C 160 11.25 3.11 -14.74
C LEU C 160 10.51 2.02 -15.49
N GLY C 161 9.46 2.41 -16.21
CA GLY C 161 8.70 1.51 -17.08
C GLY C 161 7.85 0.48 -16.35
N TYR C 162 7.41 -0.54 -17.09
CA TYR C 162 6.64 -1.64 -16.51
C TYR C 162 7.45 -2.46 -15.49
N LEU C 163 8.76 -2.58 -15.72
CA LEU C 163 9.63 -3.27 -14.76
C LEU C 163 9.75 -2.46 -13.47
N GLY C 164 9.83 -1.14 -13.61
CA GLY C 164 9.93 -0.23 -12.47
C GLY C 164 8.66 -0.14 -11.64
N ARG C 165 7.52 -0.41 -12.27
CA ARG C 165 6.24 -0.43 -11.57
C ARG C 165 5.90 -1.83 -11.06
N GLY C 166 6.82 -2.77 -11.27
CA GLY C 166 6.66 -4.16 -10.82
C GLY C 166 5.62 -4.96 -11.59
N GLU C 167 5.40 -4.58 -12.85
CA GLU C 167 4.39 -5.25 -13.68
C GLU C 167 4.93 -6.51 -14.36
N GLY C 168 6.26 -6.62 -14.42
CA GLY C 168 6.92 -7.78 -15.00
C GLY C 168 8.35 -7.92 -14.53
N ILE C 169 8.96 -9.03 -14.90
CA ILE C 169 10.38 -9.29 -14.63
C ILE C 169 11.05 -9.74 -15.93
N GLU C 170 12.18 -9.11 -16.24
CA GLU C 170 12.98 -9.44 -17.42
C GLU C 170 14.25 -10.17 -17.02
N ALA C 171 14.75 -11.03 -17.91
CA ALA C 171 16.08 -11.62 -17.76
C ALA C 171 16.86 -11.54 -19.06
N GLN C 172 18.17 -11.32 -18.92
CA GLN C 172 19.09 -11.30 -20.05
C GLN C 172 20.17 -12.33 -19.80
N ALA C 173 20.64 -12.96 -20.86
CA ALA C 173 21.70 -13.96 -20.72
C ALA C 173 22.67 -13.93 -21.90
N ALA C 174 23.91 -14.29 -21.62
CA ALA C 174 24.92 -14.49 -22.65
C ALA C 174 25.58 -15.83 -22.39
N ALA C 175 25.88 -16.56 -23.46
CA ALA C 175 26.50 -17.88 -23.36
C ALA C 175 27.64 -18.04 -24.35
N LEU C 176 28.77 -18.56 -23.88
CA LEU C 176 29.88 -18.89 -24.76
C LEU C 176 30.03 -20.40 -24.88
N VAL C 177 30.05 -20.88 -26.12
CA VAL C 177 30.22 -22.32 -26.38
C VAL C 177 31.41 -22.54 -27.32
N VAL C 178 31.84 -23.80 -27.45
CA VAL C 178 32.92 -24.14 -28.36
C VAL C 178 32.68 -25.51 -29.02
N ARG C 179 32.86 -25.56 -30.33
CA ARG C 179 32.71 -26.80 -31.10
C ARG C 179 34.04 -27.56 -31.15
N MET D 22 -2.04 -2.59 20.89
CA MET D 22 -1.09 -1.46 20.81
C MET D 22 -1.79 -0.11 20.98
N ASP D 23 -1.61 0.80 20.04
CA ASP D 23 -2.10 2.16 20.21
C ASP D 23 -3.59 2.30 19.86
N PHE D 24 -4.43 1.75 20.74
CA PHE D 24 -5.88 1.80 20.57
C PHE D 24 -6.45 3.13 21.08
N ARG D 25 -7.49 3.60 20.41
CA ARG D 25 -8.19 4.83 20.81
C ARG D 25 -9.70 4.62 20.68
N ILE D 26 -10.46 5.15 21.63
CA ILE D 26 -11.92 5.08 21.54
C ILE D 26 -12.55 6.43 21.26
N GLY D 27 -13.71 6.40 20.62
CA GLY D 27 -14.48 7.61 20.38
C GLY D 27 -15.96 7.37 20.59
N GLN D 28 -16.70 8.45 20.86
CA GLN D 28 -18.13 8.35 21.05
C GLN D 28 -18.84 9.47 20.28
N GLY D 29 -20.07 9.21 19.87
CA GLY D 29 -20.82 10.17 19.07
C GLY D 29 -22.27 10.28 19.48
N TYR D 30 -22.83 11.46 19.25
CA TYR D 30 -24.22 11.77 19.56
C TYR D 30 -24.79 12.61 18.45
N ASP D 31 -26.05 12.35 18.10
CA ASP D 31 -26.78 13.20 17.19
C ASP D 31 -28.27 13.06 17.42
N VAL D 32 -28.99 14.14 17.11
CA VAL D 32 -30.45 14.15 17.18
C VAL D 32 -30.96 15.11 16.10
N HIS D 33 -32.07 14.75 15.47
CA HIS D 33 -32.74 15.61 14.50
C HIS D 33 -34.25 15.60 14.72
N GLN D 34 -34.90 16.71 14.39
CA GLN D 34 -36.36 16.79 14.43
C GLN D 34 -36.98 15.94 13.34
N LEU D 35 -38.07 15.27 13.70
CA LEU D 35 -38.88 14.52 12.75
C LEU D 35 -40.00 15.45 12.26
N VAL D 36 -39.99 15.79 10.97
CA VAL D 36 -40.95 16.75 10.39
C VAL D 36 -41.61 16.22 9.09
N PRO D 37 -42.80 16.76 8.74
CA PRO D 37 -43.41 16.47 7.42
C PRO D 37 -42.60 17.00 6.25
N GLY D 38 -42.68 16.34 5.11
CA GLY D 38 -42.05 16.81 3.86
C GLY D 38 -40.58 16.52 3.73
N ARG D 39 -40.05 15.66 4.60
CA ARG D 39 -38.65 15.27 4.55
C ARG D 39 -38.53 13.75 4.34
N PRO D 40 -37.52 13.31 3.58
CA PRO D 40 -37.21 11.88 3.51
C PRO D 40 -36.65 11.38 4.84
N LEU D 41 -37.02 10.16 5.21
CA LEU D 41 -36.45 9.53 6.40
C LEU D 41 -35.32 8.61 6.00
N ILE D 42 -34.09 9.06 6.24
CA ILE D 42 -32.89 8.31 5.87
C ILE D 42 -32.03 8.06 7.10
N ILE D 43 -31.85 6.79 7.42
CA ILE D 43 -31.08 6.37 8.60
C ILE D 43 -30.17 5.22 8.21
N GLY D 44 -28.89 5.35 8.54
CA GLY D 44 -27.89 4.36 8.15
C GLY D 44 -27.80 4.21 6.64
N GLY D 45 -28.17 5.27 5.92
CA GLY D 45 -28.15 5.27 4.46
C GLY D 45 -29.38 4.67 3.82
N VAL D 46 -30.31 4.19 4.64
CA VAL D 46 -31.51 3.53 4.14
C VAL D 46 -32.69 4.51 4.13
N THR D 47 -33.35 4.60 2.97
CA THR D 47 -34.55 5.41 2.84
C THR D 47 -35.74 4.59 3.35
N ILE D 48 -36.35 5.08 4.44
CA ILE D 48 -37.43 4.38 5.11
C ILE D 48 -38.76 5.10 4.88
N PRO D 49 -39.74 4.40 4.26
CA PRO D 49 -41.07 4.99 4.06
C PRO D 49 -41.67 5.41 5.40
N TYR D 50 -42.09 6.66 5.49
CA TYR D 50 -42.70 7.20 6.71
C TYR D 50 -43.35 8.56 6.45
N GLU D 51 -44.39 8.85 7.23
CA GLU D 51 -45.13 10.12 7.13
C GLU D 51 -44.25 11.36 7.37
N ARG D 52 -43.17 11.17 8.11
CA ARG D 52 -42.23 12.25 8.42
C ARG D 52 -40.78 11.84 8.13
N GLY D 53 -39.91 12.84 8.04
CA GLY D 53 -38.48 12.61 7.86
C GLY D 53 -37.67 13.49 8.78
N LEU D 54 -36.35 13.35 8.73
CA LEU D 54 -35.46 14.10 9.62
C LEU D 54 -35.00 15.41 9.01
N LEU D 55 -35.02 16.46 9.82
CA LEU D 55 -34.67 17.81 9.37
C LEU D 55 -33.20 18.13 9.65
N GLY D 56 -32.51 18.60 8.62
CA GLY D 56 -31.11 19.02 8.74
C GLY D 56 -30.64 19.69 7.46
N HIS D 57 -29.43 20.23 7.50
CA HIS D 57 -28.81 20.84 6.33
C HIS D 57 -28.49 19.78 5.27
N SER D 58 -27.90 18.67 5.71
CA SER D 58 -27.68 17.50 4.85
C SER D 58 -28.96 16.65 4.78
N ASP D 59 -28.82 15.39 4.37
CA ASP D 59 -29.95 14.44 4.38
C ASP D 59 -30.38 14.08 5.80
N ALA D 60 -29.66 14.63 6.79
CA ALA D 60 -29.95 14.49 8.22
C ALA D 60 -29.92 13.06 8.76
N ASP D 61 -29.08 12.22 8.16
CA ASP D 61 -28.89 10.83 8.60
C ASP D 61 -28.26 10.81 9.99
N VAL D 62 -29.14 10.77 11.00
CA VAL D 62 -28.74 10.88 12.41
C VAL D 62 -27.76 9.79 12.86
N LEU D 63 -27.95 8.57 12.36
CA LEU D 63 -27.09 7.44 12.72
C LEU D 63 -25.67 7.62 12.20
N LEU D 64 -25.58 7.98 10.92
CA LEU D 64 -24.27 8.11 10.26
C LEU D 64 -23.47 9.26 10.84
N HIS D 65 -24.17 10.34 11.23
CA HIS D 65 -23.53 11.51 11.81
C HIS D 65 -22.92 11.18 13.17
N ALA D 66 -23.66 10.42 13.99
CA ALA D 66 -23.17 9.95 15.28
C ALA D 66 -21.93 9.06 15.12
N ILE D 67 -21.96 8.14 14.16
CA ILE D 67 -20.82 7.27 13.86
C ILE D 67 -19.62 8.09 13.37
N THR D 68 -19.90 9.05 12.49
CA THR D 68 -18.89 9.97 11.94
C THR D 68 -18.19 10.73 13.07
N ASP D 69 -18.99 11.28 13.99
CA ASP D 69 -18.48 12.03 15.13
C ASP D 69 -17.62 11.14 16.04
N ALA D 70 -18.08 9.91 16.26
CA ALA D 70 -17.32 8.93 17.06
C ALA D 70 -15.95 8.65 16.45
N LEU D 71 -15.91 8.53 15.12
CA LEU D 71 -14.67 8.25 14.40
C LEU D 71 -13.67 9.41 14.43
N PHE D 72 -14.14 10.64 14.18
CA PHE D 72 -13.28 11.83 14.34
C PHE D 72 -12.77 11.93 15.78
N GLY D 73 -13.64 11.62 16.73
CA GLY D 73 -13.29 11.69 18.16
C GLY D 73 -12.23 10.68 18.58
N ALA D 74 -12.30 9.47 18.03
CA ALA D 74 -11.31 8.43 18.31
C ALA D 74 -9.92 8.81 17.81
N ALA D 75 -9.88 9.46 16.65
CA ALA D 75 -8.63 9.91 16.05
C ALA D 75 -8.21 11.31 16.53
N ALA D 76 -8.99 11.87 17.46
CA ALA D 76 -8.80 13.25 17.96
C ALA D 76 -8.71 14.30 16.85
N LEU D 77 -9.67 14.26 15.92
CA LEU D 77 -9.66 15.18 14.78
C LEU D 77 -10.78 16.22 14.88
N GLY D 78 -11.24 16.48 16.11
CA GLY D 78 -12.31 17.43 16.35
C GLY D 78 -13.68 16.79 16.23
N ASP D 79 -14.54 17.39 15.42
CA ASP D 79 -15.91 16.87 15.23
C ASP D 79 -16.45 17.08 13.82
N ILE D 80 -17.65 16.56 13.58
CA ILE D 80 -18.28 16.57 12.25
C ILE D 80 -18.50 17.98 11.70
N GLY D 81 -18.95 18.89 12.57
CA GLY D 81 -19.21 20.27 12.18
C GLY D 81 -17.97 21.01 11.74
N ARG D 82 -16.84 20.67 12.36
CA ARG D 82 -15.53 21.22 12.01
C ARG D 82 -15.12 20.76 10.60
N HIS D 83 -15.41 19.50 10.29
CA HIS D 83 -14.99 18.90 9.03
C HIS D 83 -15.90 19.22 7.83
N PHE D 84 -17.20 19.31 8.08
CA PHE D 84 -18.17 19.60 7.01
C PHE D 84 -19.05 20.79 7.41
N SER D 85 -18.75 21.95 6.83
CA SER D 85 -19.36 23.23 7.18
C SER D 85 -20.88 23.29 6.96
N ASP D 86 -21.59 23.72 8.01
CA ASP D 86 -23.05 23.85 7.99
C ASP D 86 -23.61 24.86 7.00
N THR D 87 -22.86 25.92 6.74
CA THR D 87 -23.34 27.02 5.88
C THR D 87 -22.87 26.87 4.44
N ASP D 88 -22.13 25.79 4.17
CA ASP D 88 -21.65 25.50 2.82
C ASP D 88 -22.76 24.85 2.00
N PRO D 89 -23.16 25.50 0.88
CA PRO D 89 -24.23 24.99 0.01
C PRO D 89 -23.92 23.65 -0.65
N ARG D 90 -22.64 23.27 -0.70
CA ARG D 90 -22.25 21.96 -1.25
C ARG D 90 -22.75 20.80 -0.39
N PHE D 91 -23.03 21.09 0.88
CA PHE D 91 -23.54 20.07 1.80
C PHE D 91 -25.06 20.07 1.97
N LYS D 92 -25.72 21.02 1.30
CA LYS D 92 -27.19 21.03 1.26
C LYS D 92 -27.72 19.73 0.66
N GLY D 93 -28.46 18.99 1.48
CA GLY D 93 -28.99 17.68 1.08
C GLY D 93 -27.93 16.60 0.87
N ALA D 94 -26.71 16.86 1.34
CA ALA D 94 -25.59 15.95 1.11
C ALA D 94 -25.85 14.52 1.58
N ASP D 95 -25.35 13.58 0.79
CA ASP D 95 -25.42 12.15 1.09
C ASP D 95 -24.46 11.88 2.24
N SER D 96 -25.01 11.49 3.39
CA SER D 96 -24.18 11.31 4.60
C SER D 96 -23.26 10.10 4.57
N ARG D 97 -23.55 9.16 3.66
CA ARG D 97 -22.65 8.05 3.38
C ARG D 97 -21.35 8.57 2.75
N ALA D 98 -21.48 9.51 1.82
CA ALA D 98 -20.33 10.19 1.23
C ALA D 98 -19.52 10.92 2.30
N LEU D 99 -20.21 11.57 3.23
CA LEU D 99 -19.56 12.20 4.38
C LEU D 99 -18.85 11.17 5.26
N LEU D 100 -19.52 10.04 5.51
CA LEU D 100 -18.91 8.96 6.30
C LEU D 100 -17.63 8.45 5.65
N ARG D 101 -17.66 8.23 4.34
CA ARG D 101 -16.49 7.77 3.60
C ARG D 101 -15.31 8.76 3.62
N GLU D 102 -15.61 10.06 3.52
CA GLU D 102 -14.60 11.11 3.63
C GLU D 102 -14.03 11.20 5.05
N CYS D 103 -14.90 11.02 6.04
CA CYS D 103 -14.47 10.89 7.43
C CYS D 103 -13.46 9.76 7.59
N ALA D 104 -13.80 8.58 7.08
CA ALA D 104 -12.90 7.42 7.14
C ALA D 104 -11.59 7.70 6.43
N SER D 105 -11.67 8.40 5.29
CA SER D 105 -10.49 8.78 4.52
C SER D 105 -9.57 9.69 5.33
N ARG D 106 -10.15 10.65 6.06
CA ARG D 106 -9.38 11.57 6.88
C ARG D 106 -8.79 10.88 8.12
N VAL D 107 -9.55 9.96 8.70
CA VAL D 107 -9.09 9.12 9.81
C VAL D 107 -7.85 8.28 9.40
N ALA D 108 -7.91 7.67 8.22
CA ALA D 108 -6.75 6.96 7.64
C ALA D 108 -5.57 7.91 7.39
N GLN D 109 -5.87 9.11 6.89
CA GLN D 109 -4.84 10.13 6.62
C GLN D 109 -4.11 10.52 7.90
N ALA D 110 -4.82 10.47 9.03
CA ALA D 110 -4.24 10.76 10.34
C ALA D 110 -3.52 9.56 10.94
N GLY D 111 -3.50 8.44 10.21
CA GLY D 111 -2.73 7.25 10.61
C GLY D 111 -3.48 6.14 11.33
N PHE D 112 -4.81 6.21 11.33
CA PHE D 112 -5.62 5.25 12.09
C PHE D 112 -6.36 4.23 11.24
N ALA D 113 -6.48 3.02 11.76
CA ALA D 113 -7.32 1.97 11.18
C ALA D 113 -8.51 1.71 12.09
N ILE D 114 -9.68 1.50 11.49
CA ILE D 114 -10.92 1.28 12.24
C ILE D 114 -11.09 -0.20 12.60
N ARG D 115 -11.36 -0.47 13.87
CA ARG D 115 -11.50 -1.85 14.36
C ARG D 115 -12.94 -2.31 14.53
N ASN D 116 -13.79 -1.44 15.09
CA ASN D 116 -15.23 -1.73 15.19
C ASN D 116 -16.09 -0.50 15.50
N VAL D 117 -17.35 -0.57 15.09
CA VAL D 117 -18.35 0.45 15.40
C VAL D 117 -19.57 -0.22 16.02
N ASP D 118 -20.06 0.35 17.12
CA ASP D 118 -21.35 -0.02 17.71
C ASP D 118 -22.21 1.25 17.79
N SER D 119 -23.53 1.06 17.81
CA SER D 119 -24.44 2.20 17.71
C SER D 119 -25.85 1.86 18.18
N THR D 120 -26.60 2.89 18.54
CA THR D 120 -27.99 2.76 18.95
C THR D 120 -28.82 3.85 18.31
N ILE D 121 -30.00 3.48 17.83
CA ILE D 121 -30.98 4.44 17.32
C ILE D 121 -32.14 4.45 18.32
N ILE D 122 -32.51 5.64 18.77
CA ILE D 122 -33.70 5.77 19.61
C ILE D 122 -34.81 6.47 18.84
N ALA D 123 -35.89 5.73 18.59
CA ALA D 123 -37.04 6.23 17.86
C ALA D 123 -38.27 5.46 18.30
N GLN D 124 -39.34 6.18 18.62
CA GLN D 124 -40.60 5.56 19.01
C GLN D 124 -41.28 4.97 17.78
N ALA D 125 -41.12 5.64 16.64
CA ALA D 125 -41.65 5.19 15.36
C ALA D 125 -40.81 5.75 14.20
N PRO D 126 -40.75 5.02 13.07
CA PRO D 126 -41.39 3.72 12.81
C PRO D 126 -40.53 2.55 13.30
N LYS D 127 -40.97 1.32 13.03
CA LYS D 127 -40.21 0.12 13.38
C LYS D 127 -38.99 -0.02 12.46
N LEU D 128 -37.82 -0.14 13.07
CA LEU D 128 -36.55 -0.06 12.34
C LEU D 128 -35.87 -1.41 12.13
N ALA D 129 -36.25 -2.40 12.95
CA ALA D 129 -35.68 -3.76 12.85
C ALA D 129 -35.55 -4.34 11.44
N PRO D 130 -36.59 -4.20 10.59
CA PRO D 130 -36.47 -4.77 9.23
C PRO D 130 -35.41 -4.09 8.35
N HIS D 131 -34.92 -2.93 8.80
CA HIS D 131 -33.97 -2.14 8.01
C HIS D 131 -32.55 -2.14 8.59
N ILE D 132 -32.40 -2.73 9.77
CA ILE D 132 -31.13 -2.78 10.50
C ILE D 132 -30.01 -3.49 9.72
N ASP D 133 -30.30 -4.65 9.16
CA ASP D 133 -29.32 -5.40 8.37
C ASP D 133 -28.77 -4.55 7.22
N ALA D 134 -29.66 -3.80 6.57
CA ALA D 134 -29.27 -2.94 5.46
C ALA D 134 -28.39 -1.77 5.91
N MET D 135 -28.72 -1.19 7.07
CA MET D 135 -27.90 -0.12 7.65
C MET D 135 -26.50 -0.65 7.94
N ARG D 136 -26.44 -1.80 8.57
CA ARG D 136 -25.18 -2.46 8.92
C ARG D 136 -24.30 -2.65 7.67
N ALA D 137 -24.91 -3.18 6.60
CA ALA D 137 -24.22 -3.39 5.33
C ALA D 137 -23.69 -2.09 4.74
N ASN D 138 -24.51 -1.04 4.81
CA ASN D 138 -24.12 0.28 4.31
C ASN D 138 -22.89 0.86 5.02
N ILE D 139 -22.93 0.83 6.35
CA ILE D 139 -21.83 1.33 7.17
C ILE D 139 -20.55 0.52 6.96
N ALA D 140 -20.70 -0.80 6.91
CA ALA D 140 -19.55 -1.71 6.71
C ALA D 140 -18.88 -1.44 5.36
N ALA D 141 -19.69 -1.26 4.32
CA ALA D 141 -19.20 -0.95 2.98
C ALA D 141 -18.44 0.38 2.99
N ASP D 142 -19.08 1.40 3.55
CA ASP D 142 -18.49 2.74 3.65
C ASP D 142 -17.17 2.76 4.42
N LEU D 143 -17.06 1.96 5.48
CA LEU D 143 -15.87 1.96 6.32
C LEU D 143 -14.85 0.89 5.92
N ASP D 144 -15.14 0.18 4.83
CA ASP D 144 -14.31 -0.94 4.34
C ASP D 144 -14.07 -1.94 5.48
N LEU D 145 -15.17 -2.38 6.09
CA LEU D 145 -15.12 -3.29 7.22
C LEU D 145 -15.95 -4.53 6.93
N PRO D 146 -15.54 -5.68 7.50
CA PRO D 146 -16.44 -6.83 7.48
C PRO D 146 -17.68 -6.55 8.34
N LEU D 147 -18.77 -7.25 8.00
CA LEU D 147 -20.07 -7.07 8.66
C LEU D 147 -20.00 -7.33 10.17
N ASP D 148 -19.15 -8.28 10.58
CA ASP D 148 -19.06 -8.68 11.98
C ASP D 148 -18.31 -7.65 12.85
N ARG D 149 -17.90 -6.54 12.24
CA ARG D 149 -17.27 -5.44 12.95
C ARG D 149 -18.17 -4.20 13.04
N VAL D 150 -19.40 -4.31 12.54
CA VAL D 150 -20.36 -3.21 12.60
C VAL D 150 -21.64 -3.66 13.29
N ASN D 151 -22.13 -2.85 14.22
CA ASN D 151 -23.38 -3.14 14.90
C ASN D 151 -24.30 -1.94 15.01
N VAL D 152 -25.59 -2.19 14.80
CA VAL D 152 -26.64 -1.18 14.93
C VAL D 152 -27.81 -1.73 15.75
N LYS D 153 -28.16 -1.03 16.84
CA LYS D 153 -29.24 -1.45 17.73
C LYS D 153 -30.37 -0.44 17.68
N ALA D 154 -31.61 -0.93 17.72
CA ALA D 154 -32.77 -0.04 17.69
C ALA D 154 -33.53 -0.08 19.01
N LYS D 155 -33.88 1.09 19.53
CA LYS D 155 -34.61 1.23 20.79
C LYS D 155 -35.78 2.21 20.63
N THR D 156 -36.81 2.04 21.46
CA THR D 156 -37.80 3.09 21.65
C THR D 156 -37.36 3.84 22.91
N ASN D 157 -38.04 4.94 23.23
CA ASN D 157 -37.78 5.64 24.48
C ASN D 157 -38.87 5.46 25.51
N GLU D 158 -39.59 4.33 25.40
CA GLU D 158 -40.67 3.97 26.32
C GLU D 158 -41.67 5.10 26.56
N LYS D 159 -42.01 5.82 25.48
CA LYS D 159 -42.97 6.93 25.50
C LYS D 159 -42.54 8.14 26.33
N LEU D 160 -41.28 8.16 26.76
CA LEU D 160 -40.75 9.26 27.57
C LEU D 160 -40.09 10.36 26.75
N GLY D 161 -40.32 11.60 27.17
CA GLY D 161 -39.65 12.77 26.61
C GLY D 161 -40.06 13.11 25.19
N TYR D 162 -39.31 14.03 24.57
CA TYR D 162 -39.56 14.44 23.20
C TYR D 162 -39.37 13.27 22.23
N LEU D 163 -38.45 12.36 22.55
CA LEU D 163 -38.23 11.15 21.76
C LEU D 163 -39.45 10.23 21.82
N GLY D 164 -39.96 10.03 23.04
CA GLY D 164 -41.14 9.19 23.26
C GLY D 164 -42.40 9.79 22.65
N ARG D 165 -42.40 11.12 22.48
CA ARG D 165 -43.50 11.83 21.83
C ARG D 165 -43.30 11.90 20.31
N GLY D 166 -42.21 11.33 19.83
CA GLY D 166 -41.92 11.28 18.39
C GLY D 166 -41.54 12.59 17.74
N GLU D 167 -40.97 13.51 18.52
CA GLU D 167 -40.56 14.82 18.01
C GLU D 167 -39.25 14.76 17.22
N GLY D 168 -38.46 13.73 17.49
CA GLY D 168 -37.19 13.54 16.80
C GLY D 168 -36.64 12.13 16.99
N ILE D 169 -35.48 11.89 16.39
CA ILE D 169 -34.79 10.62 16.53
C ILE D 169 -33.36 10.90 16.97
N GLU D 170 -32.88 10.10 17.90
CA GLU D 170 -31.51 10.23 18.41
C GLU D 170 -30.67 9.05 17.97
N ALA D 171 -29.37 9.28 17.80
CA ALA D 171 -28.42 8.19 17.60
C ALA D 171 -27.20 8.34 18.51
N GLN D 172 -26.72 7.21 19.00
CA GLN D 172 -25.51 7.16 19.80
C GLN D 172 -24.56 6.19 19.12
N ALA D 173 -23.25 6.44 19.24
CA ALA D 173 -22.26 5.59 18.59
C ALA D 173 -20.98 5.48 19.39
N ALA D 174 -20.29 4.36 19.19
CA ALA D 174 -18.98 4.10 19.78
C ALA D 174 -18.09 3.49 18.71
N ALA D 175 -16.83 3.92 18.67
CA ALA D 175 -15.89 3.39 17.67
C ALA D 175 -14.52 3.16 18.27
N LEU D 176 -13.88 2.06 17.86
CA LEU D 176 -12.53 1.74 18.27
C LEU D 176 -11.62 1.77 17.07
N VAL D 177 -10.52 2.50 17.20
CA VAL D 177 -9.50 2.57 16.16
C VAL D 177 -8.15 2.21 16.73
N VAL D 178 -7.18 2.00 15.85
CA VAL D 178 -5.80 1.76 16.27
C VAL D 178 -4.88 2.56 15.36
N ARG D 179 -3.86 3.18 15.95
CA ARG D 179 -2.86 3.91 15.20
C ARG D 179 -1.89 2.93 14.52
N GLU D 180 -1.79 3.02 13.19
CA GLU D 180 -0.97 2.11 12.40
C GLU D 180 0.50 2.52 12.40
N MET E 22 -1.56 -5.07 27.96
CA MET E 22 -2.74 -5.34 27.07
C MET E 22 -4.04 -5.46 27.87
N ASP E 23 -3.96 -5.10 29.15
CA ASP E 23 -5.14 -5.08 30.01
C ASP E 23 -5.88 -3.74 29.86
N PHE E 24 -6.54 -3.57 28.72
CA PHE E 24 -7.27 -2.34 28.44
C PHE E 24 -8.62 -2.32 29.15
N ARG E 25 -9.07 -1.12 29.50
CA ARG E 25 -10.38 -0.93 30.11
C ARG E 25 -11.03 0.32 29.51
N ILE E 26 -12.35 0.30 29.39
CA ILE E 26 -13.08 1.48 28.95
C ILE E 26 -14.02 2.02 30.04
N GLY E 27 -14.23 3.33 30.01
CA GLY E 27 -15.20 3.98 30.86
C GLY E 27 -16.01 5.02 30.09
N GLN E 28 -17.19 5.34 30.60
CA GLN E 28 -18.04 6.36 30.02
C GLN E 28 -18.54 7.31 31.10
N GLY E 29 -18.87 8.54 30.73
CA GLY E 29 -19.28 9.55 31.69
C GLY E 29 -20.44 10.38 31.20
N TYR E 30 -21.26 10.84 32.15
CA TYR E 30 -22.42 11.67 31.85
C TYR E 30 -22.57 12.73 32.92
N ASP E 31 -22.96 13.92 32.48
CA ASP E 31 -23.31 15.00 33.41
C ASP E 31 -24.26 15.99 32.75
N VAL E 32 -25.06 16.66 33.57
CA VAL E 32 -25.96 17.71 33.11
C VAL E 32 -26.23 18.72 34.22
N HIS E 33 -26.20 20.00 33.86
CA HIS E 33 -26.53 21.07 34.81
C HIS E 33 -27.43 22.12 34.17
N GLN E 34 -28.29 22.72 34.98
CA GLN E 34 -29.14 23.81 34.52
C GLN E 34 -28.32 25.04 34.16
N LEU E 35 -28.77 25.74 33.12
CA LEU E 35 -28.14 26.96 32.67
CA LEU E 35 -28.14 26.96 32.67
C LEU E 35 -28.96 28.15 33.16
N VAL E 36 -28.41 28.91 34.12
CA VAL E 36 -29.12 30.02 34.76
C VAL E 36 -28.24 31.27 34.91
N PRO E 37 -28.87 32.45 35.06
CA PRO E 37 -28.11 33.67 35.39
C PRO E 37 -27.52 33.61 36.80
N GLY E 38 -26.47 34.39 37.04
CA GLY E 38 -25.85 34.46 38.37
C GLY E 38 -24.72 33.47 38.62
N ARG E 39 -24.34 32.73 37.59
CA ARG E 39 -23.19 31.84 37.64
C ARG E 39 -22.33 32.00 36.38
N PRO E 40 -21.00 31.89 36.52
CA PRO E 40 -20.15 31.88 35.32
C PRO E 40 -20.32 30.58 34.54
N LEU E 41 -20.18 30.65 33.22
CA LEU E 41 -20.18 29.46 32.39
C LEU E 41 -18.76 28.94 32.26
N ILE E 42 -18.51 27.79 32.88
CA ILE E 42 -17.18 27.16 32.85
C ILE E 42 -17.30 25.73 32.30
N ILE E 43 -16.66 25.49 31.15
CA ILE E 43 -16.68 24.18 30.50
C ILE E 43 -15.25 23.82 30.07
N GLY E 44 -14.80 22.63 30.46
CA GLY E 44 -13.42 22.21 30.23
C GLY E 44 -12.40 23.15 30.87
N GLY E 45 -12.76 23.72 32.01
CA GLY E 45 -11.91 24.67 32.72
C GLY E 45 -11.83 26.03 32.07
N VAL E 46 -12.61 26.23 31.01
CA VAL E 46 -12.61 27.49 30.26
C VAL E 46 -13.82 28.33 30.64
N THR E 47 -13.57 29.56 31.09
CA THR E 47 -14.65 30.53 31.29
C THR E 47 -15.12 31.06 29.93
N ILE E 48 -16.36 30.74 29.60
CA ILE E 48 -16.95 31.12 28.32
C ILE E 48 -17.89 32.32 28.54
N PRO E 49 -17.72 33.38 27.73
CA PRO E 49 -18.58 34.56 27.91
C PRO E 49 -20.03 34.26 27.56
N TYR E 50 -20.92 34.45 28.53
CA TYR E 50 -22.34 34.15 28.36
C TYR E 50 -23.17 34.76 29.48
N GLU E 51 -24.40 35.13 29.13
CA GLU E 51 -25.37 35.73 30.05
C GLU E 51 -25.75 34.77 31.18
N ARG E 52 -25.51 33.48 30.95
CA ARG E 52 -25.86 32.44 31.91
C ARG E 52 -24.67 31.51 32.17
N GLY E 53 -24.74 30.79 33.28
CA GLY E 53 -23.73 29.78 33.62
C GLY E 53 -24.38 28.52 34.15
N LEU E 54 -23.57 27.48 34.35
CA LEU E 54 -24.10 26.22 34.85
C LEU E 54 -24.22 26.20 36.38
N LEU E 55 -25.29 25.57 36.85
CA LEU E 55 -25.70 25.62 38.25
C LEU E 55 -25.45 24.30 38.97
N GLY E 56 -24.65 24.37 40.02
CA GLY E 56 -24.35 23.20 40.85
C GLY E 56 -23.74 23.62 42.17
N HIS E 57 -23.33 22.63 42.96
CA HIS E 57 -22.68 22.87 44.25
C HIS E 57 -21.34 23.57 44.09
N SER E 58 -20.60 23.21 43.04
CA SER E 58 -19.34 23.87 42.68
C SER E 58 -19.50 24.63 41.37
N ASP E 59 -18.48 24.58 40.50
CA ASP E 59 -18.50 25.31 39.24
C ASP E 59 -19.40 24.67 38.16
N ALA E 60 -19.92 23.48 38.46
CA ALA E 60 -20.79 22.73 37.55
C ALA E 60 -20.16 22.56 36.15
N ASP E 61 -18.86 22.30 36.12
CA ASP E 61 -18.14 22.07 34.86
C ASP E 61 -18.54 20.70 34.32
N VAL E 62 -19.59 20.72 33.51
CA VAL E 62 -20.24 19.52 32.99
C VAL E 62 -19.26 18.62 32.20
N LEU E 63 -18.40 19.23 31.41
CA LEU E 63 -17.41 18.48 30.61
C LEU E 63 -16.39 17.76 31.46
N LEU E 64 -15.80 18.46 32.42
CA LEU E 64 -14.80 17.86 33.29
C LEU E 64 -15.37 16.79 34.22
N HIS E 65 -16.60 17.01 34.70
CA HIS E 65 -17.27 15.99 35.50
C HIS E 65 -17.47 14.69 34.69
N ALA E 66 -17.96 14.81 33.47
CA ALA E 66 -18.16 13.66 32.58
C ALA E 66 -16.86 12.86 32.34
N ILE E 67 -15.76 13.57 32.07
CA ILE E 67 -14.45 12.93 31.88
C ILE E 67 -13.96 12.28 33.17
N THR E 68 -14.13 12.98 34.29
CA THR E 68 -13.77 12.47 35.61
C THR E 68 -14.52 11.15 35.88
N ASP E 69 -15.83 11.14 35.66
CA ASP E 69 -16.63 9.92 35.81
C ASP E 69 -16.18 8.78 34.89
N ALA E 70 -15.86 9.11 33.64
CA ALA E 70 -15.35 8.12 32.68
C ALA E 70 -14.05 7.46 33.14
N LEU E 71 -13.16 8.26 33.72
CA LEU E 71 -11.87 7.77 34.19
C LEU E 71 -12.00 6.89 35.43
N PHE E 72 -12.83 7.33 36.39
CA PHE E 72 -13.16 6.52 37.56
C PHE E 72 -13.81 5.18 37.13
N GLY E 73 -14.71 5.26 36.15
CA GLY E 73 -15.40 4.08 35.63
C GLY E 73 -14.50 3.08 34.93
N ALA E 74 -13.60 3.58 34.09
CA ALA E 74 -12.62 2.75 33.39
C ALA E 74 -11.70 2.00 34.35
N ALA E 75 -11.33 2.68 35.45
CA ALA E 75 -10.46 2.10 36.48
C ALA E 75 -11.25 1.35 37.54
N ALA E 76 -12.58 1.35 37.41
CA ALA E 76 -13.51 0.70 38.34
C ALA E 76 -13.38 1.20 39.78
N LEU E 77 -13.31 2.52 39.94
CA LEU E 77 -13.11 3.16 41.24
C LEU E 77 -14.38 3.87 41.75
N GLY E 78 -15.50 3.65 41.08
CA GLY E 78 -16.76 4.27 41.47
C GLY E 78 -17.11 5.47 40.61
N ASP E 79 -17.49 6.56 41.25
CA ASP E 79 -17.81 7.82 40.57
C ASP E 79 -17.35 9.01 41.41
N ILE E 80 -17.60 10.23 40.94
CA ILE E 80 -17.08 11.42 41.62
C ILE E 80 -17.65 11.58 43.04
N GLY E 81 -18.87 11.08 43.26
CA GLY E 81 -19.48 11.08 44.59
C GLY E 81 -18.96 9.97 45.48
N ARG E 82 -18.32 8.98 44.86
CA ARG E 82 -17.74 7.82 45.55
C ARG E 82 -16.26 8.06 45.84
N HIS E 83 -15.44 7.95 44.80
CA HIS E 83 -14.02 8.29 44.87
C HIS E 83 -13.74 9.59 44.14
N ASP E 95 -13.77 23.58 42.24
CA ASP E 95 -12.92 23.64 41.06
C ASP E 95 -12.74 22.24 40.46
N SER E 96 -13.35 22.03 39.29
CA SER E 96 -13.37 20.70 38.67
C SER E 96 -12.04 20.29 38.04
N ARG E 97 -11.19 21.27 37.73
CA ARG E 97 -9.84 20.99 37.23
C ARG E 97 -9.00 20.31 38.29
N ALA E 98 -9.11 20.79 39.53
CA ALA E 98 -8.41 20.21 40.67
C ALA E 98 -8.94 18.80 40.97
N LEU E 99 -10.26 18.65 40.85
CA LEU E 99 -10.90 17.35 41.02
C LEU E 99 -10.44 16.35 39.95
N LEU E 100 -10.28 16.84 38.71
CA LEU E 100 -9.80 16.01 37.60
C LEU E 100 -8.34 15.59 37.79
N ARG E 101 -7.51 16.50 38.28
CA ARG E 101 -6.11 16.19 38.60
C ARG E 101 -6.03 15.13 39.70
N GLU E 102 -6.88 15.28 40.71
CA GLU E 102 -6.97 14.28 41.78
C GLU E 102 -7.46 12.93 41.26
N CYS E 103 -8.45 12.96 40.37
CA CYS E 103 -8.91 11.75 39.69
C CYS E 103 -7.78 11.03 38.95
N ALA E 104 -6.99 11.77 38.18
CA ALA E 104 -5.84 11.20 37.46
C ALA E 104 -4.82 10.60 38.42
N SER E 105 -4.62 11.24 39.57
CA SER E 105 -3.72 10.73 40.59
C SER E 105 -4.23 9.39 41.14
N ARG E 106 -5.52 9.34 41.47
CA ARG E 106 -6.16 8.12 41.97
C ARG E 106 -6.12 6.99 40.92
N VAL E 107 -6.34 7.36 39.65
CA VAL E 107 -6.26 6.42 38.54
C VAL E 107 -4.84 5.85 38.42
N ALA E 108 -3.84 6.73 38.51
CA ALA E 108 -2.44 6.34 38.39
C ALA E 108 -2.01 5.38 39.51
N GLN E 109 -2.40 5.69 40.74
CA GLN E 109 -1.98 4.89 41.89
C GLN E 109 -2.69 3.53 41.97
N ALA E 110 -3.88 3.44 41.39
CA ALA E 110 -4.58 2.17 41.25
C ALA E 110 -3.92 1.29 40.20
N GLY E 111 -2.89 1.83 39.55
CA GLY E 111 -2.08 1.09 38.59
C GLY E 111 -2.49 1.21 37.13
N PHE E 112 -3.18 2.31 36.79
CA PHE E 112 -3.66 2.52 35.42
C PHE E 112 -2.99 3.71 34.72
N ALA E 113 -2.76 3.56 33.43
CA ALA E 113 -2.31 4.67 32.58
C ALA E 113 -3.43 5.05 31.60
N ILE E 114 -3.63 6.34 31.40
CA ILE E 114 -4.66 6.83 30.48
C ILE E 114 -4.16 6.80 29.04
N ARG E 115 -4.99 6.28 28.13
CA ARG E 115 -4.62 6.20 26.72
C ARG E 115 -5.27 7.29 25.85
N ASN E 116 -6.56 7.53 26.03
CA ASN E 116 -7.23 8.65 25.34
C ASN E 116 -8.58 9.02 25.95
N VAL E 117 -9.01 10.25 25.68
CA VAL E 117 -10.32 10.73 26.11
C VAL E 117 -11.04 11.35 24.92
N ASP E 118 -12.29 10.93 24.71
CA ASP E 118 -13.15 11.63 23.76
C ASP E 118 -14.38 12.12 24.52
N SER E 119 -15.00 13.17 24.01
CA SER E 119 -16.13 13.79 24.69
C SER E 119 -17.02 14.59 23.74
N THR E 120 -18.25 14.85 24.18
CA THR E 120 -19.18 15.70 23.46
C THR E 120 -19.88 16.65 24.44
N ILE E 121 -19.91 17.94 24.10
CA ILE E 121 -20.76 18.89 24.84
C ILE E 121 -22.00 19.15 24.01
N ILE E 122 -23.17 18.99 24.62
CA ILE E 122 -24.43 19.35 23.97
C ILE E 122 -24.93 20.67 24.57
N ALA E 123 -24.73 21.76 23.83
CA ALA E 123 -25.22 23.10 24.20
C ALA E 123 -25.82 23.76 22.97
N GLN E 124 -27.04 24.30 23.12
CA GLN E 124 -27.70 24.99 22.02
C GLN E 124 -26.96 26.30 21.73
N ALA E 125 -26.51 26.94 22.80
CA ALA E 125 -25.74 28.19 22.75
C ALA E 125 -24.95 28.30 24.06
N PRO E 126 -23.80 29.02 24.04
CA PRO E 126 -23.20 29.71 22.91
C PRO E 126 -22.35 28.77 22.06
N LYS E 127 -21.77 29.31 20.99
CA LYS E 127 -20.83 28.58 20.13
C LYS E 127 -19.59 28.18 20.94
N LEU E 128 -19.26 26.90 20.89
CA LEU E 128 -18.17 26.38 21.72
C LEU E 128 -16.87 26.13 20.94
N ALA E 129 -16.98 26.06 19.62
CA ALA E 129 -15.82 25.79 18.74
C ALA E 129 -14.59 26.67 19.02
N PRO E 130 -14.79 27.99 19.24
CA PRO E 130 -13.64 28.86 19.51
C PRO E 130 -12.88 28.53 20.81
N HIS E 131 -13.51 27.78 21.70
CA HIS E 131 -12.92 27.47 23.01
C HIS E 131 -12.41 26.04 23.15
N ILE E 132 -12.56 25.24 22.09
CA ILE E 132 -12.19 23.82 22.11
C ILE E 132 -10.69 23.61 22.37
N ASP E 133 -9.86 24.40 21.70
CA ASP E 133 -8.40 24.32 21.85
C ASP E 133 -7.97 24.47 23.30
N ALA E 134 -8.53 25.47 23.97
CA ALA E 134 -8.22 25.72 25.38
C ALA E 134 -8.69 24.57 26.27
N MET E 135 -9.89 24.05 26.01
CA MET E 135 -10.45 22.91 26.77
C MET E 135 -9.55 21.70 26.67
N ARG E 136 -9.13 21.38 25.45
CA ARG E 136 -8.21 20.27 25.19
C ARG E 136 -6.87 20.46 25.90
N ALA E 137 -6.35 21.68 25.83
CA ALA E 137 -5.11 22.04 26.52
C ALA E 137 -5.23 21.88 28.04
N ASN E 138 -6.33 22.37 28.61
CA ASN E 138 -6.59 22.22 30.04
C ASN E 138 -6.65 20.76 30.45
N ILE E 139 -7.46 19.97 29.75
CA ILE E 139 -7.63 18.54 30.02
C ILE E 139 -6.30 17.77 29.87
N ALA E 140 -5.59 18.02 28.77
CA ALA E 140 -4.31 17.36 28.51
C ALA E 140 -3.26 17.68 29.57
N ALA E 141 -3.24 18.92 30.03
CA ALA E 141 -2.34 19.31 31.12
C ALA E 141 -2.72 18.59 32.41
N ASP E 142 -4.02 18.61 32.75
CA ASP E 142 -4.50 18.00 33.99
C ASP E 142 -4.30 16.48 34.05
N LEU E 143 -4.31 15.84 32.88
CA LEU E 143 -4.14 14.40 32.78
C LEU E 143 -2.73 13.98 32.36
N ASP E 144 -1.86 14.96 32.13
CA ASP E 144 -0.48 14.74 31.66
C ASP E 144 -0.46 13.83 30.42
N LEU E 145 -1.27 14.19 29.44
CA LEU E 145 -1.39 13.42 28.20
C LEU E 145 -0.93 14.24 27.01
N PRO E 146 -0.38 13.58 25.98
CA PRO E 146 -0.18 14.24 24.70
C PRO E 146 -1.50 14.84 24.21
N LEU E 147 -1.42 16.00 23.56
CA LEU E 147 -2.61 16.73 23.14
C LEU E 147 -3.45 15.91 22.16
N ASP E 148 -2.80 15.10 21.33
CA ASP E 148 -3.50 14.31 20.31
C ASP E 148 -4.23 13.08 20.87
N ARG E 149 -4.26 12.98 22.20
CA ARG E 149 -5.00 11.91 22.90
C ARG E 149 -6.23 12.45 23.63
N VAL E 150 -6.45 13.76 23.51
CA VAL E 150 -7.64 14.39 24.07
C VAL E 150 -8.48 15.00 22.95
N ASN E 151 -9.77 14.69 22.94
CA ASN E 151 -10.70 15.26 21.96
C ASN E 151 -12.00 15.72 22.60
N VAL E 152 -12.45 16.91 22.20
CA VAL E 152 -13.73 17.46 22.65
C VAL E 152 -14.55 17.84 21.44
N LYS E 153 -15.82 17.43 21.44
CA LYS E 153 -16.75 17.73 20.35
C LYS E 153 -17.89 18.60 20.87
N ALA E 154 -18.55 19.32 19.97
CA ALA E 154 -19.66 20.19 20.33
C ALA E 154 -20.89 19.92 19.47
N LYS E 155 -22.07 19.95 20.08
CA LYS E 155 -23.33 19.69 19.38
C LYS E 155 -24.44 20.58 19.93
N THR E 156 -25.37 20.98 19.07
CA THR E 156 -26.64 21.55 19.54
C THR E 156 -27.59 20.36 19.71
N ASN E 157 -28.76 20.62 20.29
CA ASN E 157 -29.78 19.60 20.38
C ASN E 157 -30.93 19.79 19.38
N GLU E 158 -30.66 20.58 18.33
CA GLU E 158 -31.64 20.89 17.27
C GLU E 158 -32.95 21.46 17.81
N LYS E 159 -32.83 22.33 18.81
CA LYS E 159 -33.98 22.99 19.44
C LYS E 159 -34.92 22.02 20.18
N LEU E 160 -34.45 20.80 20.43
CA LEU E 160 -35.27 19.78 21.07
C LEU E 160 -35.02 19.63 22.57
N GLY E 161 -36.12 19.58 23.32
CA GLY E 161 -36.07 19.33 24.75
C GLY E 161 -35.49 20.48 25.55
N TYR E 162 -35.15 20.21 26.81
CA TYR E 162 -34.57 21.23 27.68
C TYR E 162 -33.20 21.71 27.18
N LEU E 163 -32.44 20.80 26.55
CA LEU E 163 -31.14 21.17 26.00
C LEU E 163 -31.34 22.13 24.83
N GLY E 164 -32.27 21.79 23.94
CA GLY E 164 -32.57 22.60 22.77
C GLY E 164 -33.21 23.95 23.07
N ARG E 165 -33.91 24.04 24.21
CA ARG E 165 -34.52 25.30 24.67
C ARG E 165 -33.53 26.18 25.44
N GLY E 166 -32.33 25.68 25.67
CA GLY E 166 -31.27 26.43 26.36
C GLY E 166 -31.36 26.39 27.87
N GLU E 167 -32.09 25.39 28.39
CA GLU E 167 -32.34 25.28 29.84
C GLU E 167 -31.24 24.53 30.60
N GLY E 168 -30.40 23.82 29.86
CA GLY E 168 -29.29 23.09 30.45
C GLY E 168 -28.23 22.75 29.43
N ILE E 169 -27.12 22.21 29.90
CA ILE E 169 -26.02 21.75 29.04
C ILE E 169 -25.57 20.38 29.53
N GLU E 170 -25.43 19.45 28.59
CA GLU E 170 -25.00 18.09 28.88
C GLU E 170 -23.59 17.86 28.37
N ALA E 171 -22.88 16.94 29.03
CA ALA E 171 -21.62 16.43 28.52
C ALA E 171 -21.58 14.92 28.59
N GLN E 172 -21.00 14.32 27.56
CA GLN E 172 -20.75 12.88 27.47
C GLN E 172 -19.26 12.70 27.31
N ALA E 173 -18.72 11.63 27.89
CA ALA E 173 -17.29 11.35 27.76
C ALA E 173 -17.00 9.85 27.69
N ALA E 174 -15.92 9.51 27.00
CA ALA E 174 -15.41 8.14 26.94
C ALA E 174 -13.92 8.16 27.21
N ALA E 175 -13.44 7.16 27.94
CA ALA E 175 -12.03 7.09 28.29
C ALA E 175 -11.49 5.67 28.15
N LEU E 176 -10.33 5.56 27.51
CA LEU E 176 -9.61 4.30 27.42
C LEU E 176 -8.39 4.35 28.33
N VAL E 177 -8.29 3.37 29.23
CA VAL E 177 -7.11 3.23 30.07
C VAL E 177 -6.45 1.87 29.85
N VAL E 178 -5.28 1.67 30.45
CA VAL E 178 -4.63 0.37 30.47
C VAL E 178 -3.95 0.14 31.83
N ARG E 179 -4.20 -1.03 32.42
CA ARG E 179 -3.53 -1.41 33.67
C ARG E 179 -2.10 -1.83 33.34
N GLU E 180 -1.15 -1.02 33.82
CA GLU E 180 0.28 -1.20 33.49
C GLU E 180 0.85 -2.52 33.99
N MET F 22 -5.64 -9.02 21.44
CA MET F 22 -5.35 -8.33 20.14
C MET F 22 -6.60 -7.77 19.46
N ASP F 23 -7.58 -8.63 19.22
CA ASP F 23 -8.80 -8.24 18.52
C ASP F 23 -9.84 -7.69 19.51
N PHE F 24 -9.57 -6.48 20.00
CA PHE F 24 -10.46 -5.79 20.93
C PHE F 24 -11.66 -5.20 20.20
N ARG F 25 -12.81 -5.17 20.88
CA ARG F 25 -14.03 -4.52 20.37
C ARG F 25 -14.72 -3.76 21.49
N ILE F 26 -15.31 -2.61 21.16
CA ILE F 26 -16.13 -1.88 22.12
C ILE F 26 -17.62 -1.90 21.80
N GLY F 27 -18.44 -1.84 22.85
CA GLY F 27 -19.87 -1.72 22.70
C GLY F 27 -20.42 -0.68 23.64
N GLN F 28 -21.57 -0.11 23.27
CA GLN F 28 -22.29 0.82 24.13
C GLN F 28 -23.77 0.44 24.23
N GLY F 29 -24.35 0.69 25.39
CA GLY F 29 -25.73 0.31 25.66
C GLY F 29 -26.52 1.45 26.28
N TYR F 30 -27.81 1.48 25.95
CA TYR F 30 -28.73 2.48 26.48
C TYR F 30 -30.08 1.84 26.78
N ASP F 31 -30.62 2.16 27.95
CA ASP F 31 -31.96 1.72 28.30
C ASP F 31 -32.68 2.75 29.14
N VAL F 32 -34.01 2.80 29.02
CA VAL F 32 -34.84 3.67 29.85
C VAL F 32 -36.19 2.98 30.14
N HIS F 33 -36.66 3.12 31.37
CA HIS F 33 -37.96 2.59 31.77
C HIS F 33 -38.72 3.58 32.65
N GLN F 34 -40.04 3.55 32.55
CA GLN F 34 -40.91 4.40 33.34
C GLN F 34 -41.04 3.92 34.78
N LEU F 35 -41.23 4.86 35.69
CA LEU F 35 -41.47 4.54 37.09
C LEU F 35 -42.97 4.50 37.40
N VAL F 36 -43.45 3.31 37.74
CA VAL F 36 -44.88 3.09 37.98
C VAL F 36 -45.15 2.46 39.35
N PRO F 37 -46.27 2.82 40.00
CA PRO F 37 -46.66 2.13 41.22
C PRO F 37 -47.43 0.84 40.89
N GLY F 38 -47.39 -0.16 41.77
CA GLY F 38 -46.50 -0.20 42.93
C GLY F 38 -45.56 -1.36 42.77
N ARG F 39 -44.98 -1.46 41.57
CA ARG F 39 -44.01 -2.50 41.22
C ARG F 39 -42.75 -2.45 42.08
N PRO F 40 -42.04 -3.59 42.20
CA PRO F 40 -40.74 -3.55 42.87
C PRO F 40 -39.69 -2.86 42.00
N LEU F 41 -38.88 -2.01 42.62
CA LEU F 41 -37.76 -1.37 41.93
C LEU F 41 -36.55 -2.29 41.98
N ILE F 42 -36.16 -2.80 40.82
CA ILE F 42 -35.02 -3.70 40.71
C ILE F 42 -34.01 -3.14 39.73
N ILE F 43 -32.82 -2.80 40.24
CA ILE F 43 -31.74 -2.26 39.41
C ILE F 43 -30.45 -3.03 39.69
N GLY F 44 -29.89 -3.62 38.63
CA GLY F 44 -28.70 -4.46 38.73
C GLY F 44 -28.93 -5.72 39.57
N GLY F 45 -30.16 -6.22 39.56
CA GLY F 45 -30.52 -7.42 40.31
C GLY F 45 -30.89 -7.17 41.77
N VAL F 46 -30.74 -5.92 42.21
CA VAL F 46 -30.98 -5.55 43.60
C VAL F 46 -32.36 -4.92 43.75
N THR F 47 -33.13 -5.42 44.72
CA THR F 47 -34.43 -4.85 45.03
C THR F 47 -34.26 -3.67 45.98
N ILE F 48 -34.61 -2.50 45.50
CA ILE F 48 -34.46 -1.26 46.27
C ILE F 48 -35.83 -0.83 46.80
N PRO F 49 -35.93 -0.60 48.12
CA PRO F 49 -37.17 -0.11 48.72
C PRO F 49 -37.57 1.24 48.13
N TYR F 50 -38.70 1.25 47.45
CA TYR F 50 -39.23 2.44 46.79
C TYR F 50 -40.70 2.21 46.44
N GLU F 51 -41.50 3.26 46.52
CA GLU F 51 -42.94 3.20 46.24
C GLU F 51 -43.26 2.81 44.80
N ARG F 52 -42.47 3.30 43.84
CA ARG F 52 -42.65 2.95 42.44
C ARG F 52 -41.63 1.93 41.96
N GLY F 53 -41.91 1.31 40.82
CA GLY F 53 -41.02 0.33 40.21
C GLY F 53 -40.91 0.54 38.71
N LEU F 54 -40.00 -0.18 38.08
CA LEU F 54 -39.76 -0.04 36.65
C LEU F 54 -40.72 -0.89 35.80
N LEU F 55 -41.38 -0.22 34.86
CA LEU F 55 -42.33 -0.86 33.95
C LEU F 55 -41.61 -1.48 32.75
N GLY F 56 -41.89 -2.75 32.49
CA GLY F 56 -41.34 -3.44 31.32
C GLY F 56 -41.94 -4.80 31.09
N HIS F 57 -41.38 -5.53 30.13
CA HIS F 57 -41.83 -6.87 29.77
C HIS F 57 -41.40 -7.90 30.82
N SER F 58 -40.10 -7.93 31.10
CA SER F 58 -39.55 -8.76 32.17
C SER F 58 -39.56 -7.97 33.49
N ASP F 59 -38.49 -8.12 34.28
CA ASP F 59 -38.35 -7.35 35.51
C ASP F 59 -37.85 -5.92 35.27
N ALA F 60 -37.69 -5.57 33.99
CA ALA F 60 -37.38 -4.20 33.55
C ALA F 60 -36.11 -3.62 34.19
N ASP F 61 -35.13 -4.48 34.44
CA ASP F 61 -33.89 -4.04 35.05
C ASP F 61 -33.09 -3.20 34.06
N VAL F 62 -33.29 -1.88 34.17
CA VAL F 62 -32.76 -0.90 33.24
C VAL F 62 -31.23 -0.97 33.11
N LEU F 63 -30.55 -1.21 34.24
CA LEU F 63 -29.08 -1.32 34.25
C LEU F 63 -28.59 -2.57 33.54
N LEU F 64 -29.20 -3.71 33.85
CA LEU F 64 -28.78 -4.97 33.25
C LEU F 64 -29.09 -5.02 31.76
N HIS F 65 -30.21 -4.41 31.35
CA HIS F 65 -30.57 -4.31 29.93
C HIS F 65 -29.56 -3.48 29.14
N ALA F 66 -29.13 -2.36 29.70
CA ALA F 66 -28.11 -1.52 29.08
C ALA F 66 -26.77 -2.25 28.93
N ILE F 67 -26.36 -2.98 29.98
CA ILE F 67 -25.12 -3.76 29.95
C ILE F 67 -25.21 -4.88 28.92
N THR F 68 -26.35 -5.56 28.90
CA THR F 68 -26.62 -6.63 27.93
C THR F 68 -26.46 -6.12 26.48
N ASP F 69 -27.08 -4.98 26.19
CA ASP F 69 -27.00 -4.40 24.85
C ASP F 69 -25.60 -3.96 24.44
N ALA F 70 -24.83 -3.43 25.40
CA ALA F 70 -23.43 -3.06 25.16
C ALA F 70 -22.57 -4.28 24.83
N LEU F 71 -22.87 -5.41 25.48
CA LEU F 71 -22.14 -6.66 25.24
C LEU F 71 -22.49 -7.26 23.88
N PHE F 72 -23.78 -7.25 23.53
CA PHE F 72 -24.21 -7.71 22.20
C PHE F 72 -23.62 -6.81 21.12
N GLY F 73 -23.63 -5.50 21.36
CA GLY F 73 -23.05 -4.53 20.45
C GLY F 73 -21.57 -4.71 20.20
N ALA F 74 -20.84 -4.99 21.28
CA ALA F 74 -19.39 -5.22 21.22
C ALA F 74 -19.03 -6.49 20.45
N ALA F 75 -19.87 -7.52 20.60
CA ALA F 75 -19.66 -8.78 19.87
C ALA F 75 -20.33 -8.74 18.49
N ALA F 76 -21.00 -7.62 18.19
CA ALA F 76 -21.78 -7.43 16.96
C ALA F 76 -22.83 -8.54 16.76
N LEU F 77 -23.59 -8.80 17.81
CA LEU F 77 -24.66 -9.80 17.81
C LEU F 77 -26.03 -9.14 17.80
N GLY F 78 -26.08 -7.85 17.52
CA GLY F 78 -27.34 -7.10 17.52
C GLY F 78 -27.68 -6.54 18.88
N ASP F 79 -28.89 -6.83 19.35
CA ASP F 79 -29.40 -6.29 20.62
C ASP F 79 -30.26 -7.31 21.37
N ILE F 80 -30.71 -6.93 22.57
CA ILE F 80 -31.56 -7.79 23.41
C ILE F 80 -32.82 -8.27 22.67
N GLY F 81 -33.51 -7.34 22.01
CA GLY F 81 -34.75 -7.64 21.28
C GLY F 81 -34.58 -8.64 20.15
N ARG F 82 -33.38 -8.68 19.58
CA ARG F 82 -33.04 -9.61 18.51
C ARG F 82 -32.82 -11.03 19.02
N HIS F 83 -32.55 -11.16 20.32
CA HIS F 83 -32.19 -12.46 20.90
C HIS F 83 -33.30 -13.14 21.70
N PHE F 84 -34.24 -12.36 22.23
CA PHE F 84 -35.33 -12.89 23.06
C PHE F 84 -36.69 -12.43 22.55
N ASP F 95 -35.87 -13.54 34.71
CA ASP F 95 -35.49 -12.17 35.05
C ASP F 95 -34.27 -11.69 34.25
N SER F 96 -33.91 -10.41 34.42
CA SER F 96 -32.81 -9.81 33.64
C SER F 96 -31.45 -10.45 33.89
N ARG F 97 -31.26 -11.00 35.08
CA ARG F 97 -30.01 -11.70 35.42
C ARG F 97 -29.85 -12.97 34.60
N ALA F 98 -30.95 -13.69 34.40
CA ALA F 98 -30.97 -14.86 33.52
C ALA F 98 -30.61 -14.45 32.10
N LEU F 99 -31.20 -13.34 31.63
CA LEU F 99 -30.93 -12.81 30.29
C LEU F 99 -29.46 -12.38 30.15
N LEU F 100 -28.92 -11.75 31.20
CA LEU F 100 -27.52 -11.33 31.21
C LEU F 100 -26.56 -12.51 31.15
N ARG F 101 -26.89 -13.56 31.90
CA ARG F 101 -26.13 -14.81 31.87
C ARG F 101 -26.22 -15.44 30.48
N GLU F 102 -27.39 -15.40 29.88
CA GLU F 102 -27.59 -15.87 28.50
C GLU F 102 -26.81 -14.99 27.50
N CYS F 103 -26.81 -13.67 27.73
CA CYS F 103 -26.01 -12.73 26.96
C CYS F 103 -24.54 -13.13 26.95
N ALA F 104 -24.00 -13.38 28.14
CA ALA F 104 -22.61 -13.80 28.31
C ALA F 104 -22.28 -15.05 27.50
N SER F 105 -23.22 -15.99 27.49
CA SER F 105 -23.09 -17.24 26.73
C SER F 105 -22.91 -16.99 25.23
N ARG F 106 -23.75 -16.12 24.68
CA ARG F 106 -23.71 -15.80 23.25
C ARG F 106 -22.43 -15.04 22.90
N VAL F 107 -22.02 -14.14 23.79
CA VAL F 107 -20.75 -13.41 23.64
C VAL F 107 -19.57 -14.38 23.52
N ALA F 108 -19.50 -15.35 24.43
CA ALA F 108 -18.46 -16.38 24.39
C ALA F 108 -18.59 -17.26 23.15
N GLN F 109 -19.83 -17.61 22.78
CA GLN F 109 -20.13 -18.38 21.58
C GLN F 109 -19.58 -17.72 20.31
N ALA F 110 -19.62 -16.39 20.29
CA ALA F 110 -19.06 -15.60 19.17
C ALA F 110 -17.53 -15.58 19.20
N GLY F 111 -16.94 -16.08 20.29
CA GLY F 111 -15.49 -16.18 20.40
C GLY F 111 -14.84 -15.07 21.23
N PHE F 112 -15.65 -14.32 21.96
CA PHE F 112 -15.18 -13.17 22.71
C PHE F 112 -15.08 -13.41 24.21
N ALA F 113 -14.09 -12.80 24.84
CA ALA F 113 -14.01 -12.70 26.30
C ALA F 113 -14.26 -11.26 26.73
N ILE F 114 -15.00 -11.07 27.83
CA ILE F 114 -15.32 -9.75 28.35
C ILE F 114 -14.18 -9.22 29.22
N ARG F 115 -13.73 -8.00 28.92
CA ARG F 115 -12.61 -7.39 29.66
C ARG F 115 -13.09 -6.50 30.80
N ASN F 116 -14.01 -5.59 30.51
CA ASN F 116 -14.66 -4.79 31.57
C ASN F 116 -15.99 -4.19 31.16
N VAL F 117 -16.77 -3.80 32.17
CA VAL F 117 -18.03 -3.10 32.00
C VAL F 117 -18.02 -1.84 32.87
N ASP F 118 -18.43 -0.71 32.29
CA ASP F 118 -18.68 0.51 33.04
C ASP F 118 -20.13 0.92 32.75
N SER F 119 -20.72 1.69 33.66
CA SER F 119 -22.13 2.07 33.52
C SER F 119 -22.53 3.27 34.36
N THR F 120 -23.65 3.89 33.99
CA THR F 120 -24.23 4.98 34.77
C THR F 120 -25.74 4.83 34.85
N ILE F 121 -26.26 4.97 36.05
CA ILE F 121 -27.70 5.03 36.27
C ILE F 121 -28.08 6.49 36.48
N ILE F 122 -29.07 6.96 35.72
CA ILE F 122 -29.59 8.31 35.91
C ILE F 122 -30.97 8.22 36.55
N ALA F 123 -31.05 8.61 37.81
CA ALA F 123 -32.29 8.61 38.56
C ALA F 123 -32.26 9.72 39.60
N GLN F 124 -33.31 10.55 39.61
CA GLN F 124 -33.44 11.61 40.61
C GLN F 124 -33.65 10.97 41.98
N ALA F 125 -34.52 9.96 42.02
CA ALA F 125 -34.82 9.23 43.25
C ALA F 125 -35.02 7.74 42.94
N PRO F 126 -34.67 6.85 43.90
CA PRO F 126 -34.09 7.14 45.22
C PRO F 126 -32.56 7.12 45.20
N LYS F 127 -31.96 7.25 46.38
CA LYS F 127 -30.52 7.11 46.57
C LYS F 127 -30.04 5.72 46.16
N LEU F 128 -29.00 5.68 45.33
CA LEU F 128 -28.52 4.41 44.78
C LEU F 128 -27.16 3.99 45.34
N ALA F 129 -26.41 4.95 45.88
CA ALA F 129 -25.05 4.71 46.40
C ALA F 129 -24.91 3.48 47.31
N PRO F 130 -25.80 3.33 48.32
CA PRO F 130 -25.66 2.19 49.25
C PRO F 130 -25.94 0.82 48.61
N HIS F 131 -26.38 0.81 47.35
CA HIS F 131 -26.73 -0.43 46.67
C HIS F 131 -25.78 -0.78 45.54
N ILE F 132 -24.87 0.15 45.22
CA ILE F 132 -23.95 0.03 44.08
C ILE F 132 -23.11 -1.26 44.11
N ASP F 133 -22.51 -1.55 45.27
CA ASP F 133 -21.62 -2.71 45.42
C ASP F 133 -22.31 -4.05 45.20
N ALA F 134 -23.54 -4.16 45.67
CA ALA F 134 -24.35 -5.38 45.47
C ALA F 134 -24.72 -5.57 44.00
N MET F 135 -25.05 -4.46 43.33
CA MET F 135 -25.28 -4.47 41.89
C MET F 135 -24.02 -4.97 41.17
N ARG F 136 -22.87 -4.39 41.56
CA ARG F 136 -21.58 -4.79 41.01
C ARG F 136 -21.30 -6.27 41.22
N ALA F 137 -21.63 -6.77 42.42
CA ALA F 137 -21.46 -8.19 42.75
C ALA F 137 -22.31 -9.10 41.87
N ASN F 138 -23.58 -8.72 41.69
CA ASN F 138 -24.49 -9.45 40.80
C ASN F 138 -23.98 -9.53 39.37
N ILE F 139 -23.52 -8.40 38.84
CA ILE F 139 -23.02 -8.30 37.46
C ILE F 139 -21.75 -9.13 37.26
N ALA F 140 -20.81 -9.00 38.19
CA ALA F 140 -19.55 -9.74 38.16
C ALA F 140 -19.77 -11.25 38.16
N ALA F 141 -20.69 -11.70 39.03
CA ALA F 141 -21.03 -13.12 39.11
C ALA F 141 -21.65 -13.59 37.80
N ASP F 142 -22.64 -12.86 37.32
CA ASP F 142 -23.36 -13.21 36.08
C ASP F 142 -22.47 -13.27 34.84
N LEU F 143 -21.46 -12.41 34.80
CA LEU F 143 -20.55 -12.34 33.65
C LEU F 143 -19.27 -13.13 33.87
N ASP F 144 -19.15 -13.77 35.03
CA ASP F 144 -17.94 -14.49 35.44
C ASP F 144 -16.70 -13.59 35.38
N LEU F 145 -16.78 -12.45 36.07
CA LEU F 145 -15.69 -11.48 36.12
C LEU F 145 -15.35 -11.15 37.57
N PRO F 146 -14.07 -10.79 37.83
CA PRO F 146 -13.76 -10.24 39.15
C PRO F 146 -14.42 -8.86 39.33
N LEU F 147 -14.67 -8.49 40.58
CA LEU F 147 -15.31 -7.21 40.92
C LEU F 147 -14.61 -5.99 40.33
N ASP F 148 -13.29 -6.08 40.18
CA ASP F 148 -12.48 -4.93 39.76
C ASP F 148 -12.60 -4.62 38.27
N ARG F 149 -13.36 -5.46 37.55
CA ARG F 149 -13.61 -5.28 36.12
C ARG F 149 -15.07 -4.86 35.87
N VAL F 150 -15.77 -4.51 36.94
CA VAL F 150 -17.17 -4.08 36.86
C VAL F 150 -17.35 -2.78 37.64
N ASN F 151 -17.93 -1.77 36.98
CA ASN F 151 -18.19 -0.48 37.62
C ASN F 151 -19.60 0.02 37.32
N VAL F 152 -20.26 0.55 38.36
CA VAL F 152 -21.58 1.16 38.23
C VAL F 152 -21.57 2.55 38.88
N LYS F 153 -22.01 3.57 38.13
CA LYS F 153 -22.07 4.95 38.64
C LYS F 153 -23.51 5.43 38.71
N ALA F 154 -23.77 6.43 39.55
CA ALA F 154 -25.11 7.00 39.70
C ALA F 154 -25.12 8.52 39.51
N LYS F 155 -26.18 9.03 38.89
CA LYS F 155 -26.33 10.45 38.61
C LYS F 155 -27.78 10.89 38.80
N THR F 156 -27.98 12.16 39.18
CA THR F 156 -29.29 12.79 39.05
C THR F 156 -29.33 13.52 37.72
N ASN F 157 -30.50 14.03 37.34
CA ASN F 157 -30.62 14.81 36.12
C ASN F 157 -30.85 16.29 36.39
N GLU F 158 -30.54 16.70 37.62
CA GLU F 158 -30.67 18.10 38.08
C GLU F 158 -32.04 18.69 37.73
N LYS F 159 -33.08 17.88 37.97
CA LYS F 159 -34.49 18.30 37.81
C LYS F 159 -34.84 18.71 36.37
N LEU F 160 -34.13 18.16 35.40
CA LEU F 160 -34.38 18.43 33.99
C LEU F 160 -35.06 17.26 33.29
N GLY F 161 -36.11 17.57 32.52
CA GLY F 161 -36.82 16.58 31.71
C GLY F 161 -37.57 15.53 32.52
N TYR F 162 -37.91 14.42 31.87
CA TYR F 162 -38.66 13.34 32.51
C TYR F 162 -37.88 12.64 33.63
N LEU F 163 -36.57 12.52 33.46
CA LEU F 163 -35.70 11.93 34.50
C LEU F 163 -35.65 12.85 35.73
N GLY F 164 -35.60 14.16 35.47
CA GLY F 164 -35.61 15.16 36.52
C GLY F 164 -36.95 15.30 37.24
N ARG F 165 -38.04 14.98 36.53
CA ARG F 165 -39.38 14.96 37.15
C ARG F 165 -39.63 13.64 37.89
N GLY F 166 -38.72 12.68 37.70
CA GLY F 166 -38.82 11.38 38.38
C GLY F 166 -39.75 10.41 37.69
N GLU F 167 -39.96 10.61 36.39
CA GLU F 167 -40.91 9.82 35.61
C GLU F 167 -40.35 8.48 35.16
N GLY F 168 -39.02 8.35 35.21
CA GLY F 168 -38.37 7.11 34.84
C GLY F 168 -36.90 7.09 35.22
N ILE F 169 -36.23 6.00 34.86
CA ILE F 169 -34.81 5.83 35.10
C ILE F 169 -34.10 5.41 33.81
N GLU F 170 -32.94 6.01 33.56
CA GLU F 170 -32.11 5.67 32.42
C GLU F 170 -30.85 4.95 32.88
N ALA F 171 -30.32 4.07 32.02
CA ALA F 171 -29.01 3.48 32.24
C ALA F 171 -28.16 3.54 30.96
N GLN F 172 -26.87 3.84 31.16
CA GLN F 172 -25.90 3.84 30.06
C GLN F 172 -24.84 2.82 30.42
N ALA F 173 -24.29 2.14 29.40
CA ALA F 173 -23.27 1.13 29.62
C ALA F 173 -22.24 1.11 28.50
N ALA F 174 -21.01 0.74 28.88
CA ALA F 174 -19.95 0.52 27.93
C ALA F 174 -19.28 -0.80 28.26
N ALA F 175 -18.85 -1.53 27.23
CA ALA F 175 -18.20 -2.84 27.43
C ALA F 175 -17.07 -3.07 26.45
N LEU F 176 -15.95 -3.58 26.96
CA LEU F 176 -14.82 -3.97 26.12
C LEU F 176 -14.66 -5.49 26.12
N VAL F 177 -14.52 -6.05 24.93
CA VAL F 177 -14.31 -7.49 24.75
C VAL F 177 -13.10 -7.73 23.85
N VAL F 178 -12.66 -8.99 23.79
CA VAL F 178 -11.55 -9.38 22.92
C VAL F 178 -11.74 -10.82 22.43
N ARG F 179 -11.37 -11.09 21.16
CA ARG F 179 -11.31 -12.45 20.66
C ARG F 179 -9.87 -12.89 20.43
ZN ZN G . 17.78 1.20 -37.17
O3P C5P H . 18.87 7.17 -34.26
P C5P H . 20.15 6.46 -33.61
O1P C5P H . 19.73 5.95 -32.33
O2P C5P H . 20.85 5.52 -34.53
O5' C5P H . 21.07 7.74 -33.60
C5' C5P H . 21.65 8.18 -34.83
C4' C5P H . 23.13 8.41 -34.64
O4' C5P H . 23.18 9.57 -33.79
C3' C5P H . 23.68 7.26 -33.81
O3' C5P H . 24.62 6.36 -34.39
C2' C5P H . 24.37 7.85 -32.65
O2' C5P H . 25.75 7.51 -32.74
C1' C5P H . 24.04 9.32 -32.68
N1 C5P H . 23.39 9.48 -31.38
C2 C5P H . 23.91 10.45 -30.53
N3 C5P H . 23.44 10.58 -29.33
C4 C5P H . 22.44 9.85 -28.90
C5 C5P H . 21.88 8.86 -29.71
C6 C5P H . 22.41 8.69 -30.98
O2 C5P H . 24.82 11.22 -30.89
N4 C5P H . 21.97 10.15 -27.66
ZN ZN I . 24.03 2.30 -12.17
O3P C5P J . 19.66 -0.54 -7.76
P C5P J . 20.48 -1.75 -8.44
O1P C5P J . 19.70 -2.23 -9.64
O2P C5P J . 21.91 -1.30 -8.63
O5' C5P J . 20.45 -2.90 -7.31
C5' C5P J . 21.45 -2.98 -6.29
C4' C5P J . 21.68 -4.42 -5.86
O4' C5P J . 20.52 -4.95 -5.20
C3' C5P J . 21.97 -5.35 -7.02
O3' C5P J . 23.37 -5.50 -7.28
C2' C5P J . 21.35 -6.68 -6.63
O2' C5P J . 22.34 -7.58 -6.11
C1' C5P J . 20.32 -6.33 -5.55
N1 C5P J . 18.95 -6.56 -6.02
C2 C5P J . 18.11 -7.49 -5.35
N3 C5P J . 16.85 -7.71 -5.77
C4 C5P J . 16.36 -7.04 -6.84
C5 C5P J . 17.15 -6.14 -7.52
C6 C5P J . 18.46 -5.90 -7.10
O2 C5P J . 18.52 -8.12 -4.35
N4 C5P J . 15.08 -7.29 -7.24
ZN ZN K . 9.74 -17.19 -20.89
O3P C5P L . -38.69 -1.82 23.45
P C5P L . -37.15 -1.44 23.14
O1P C5P L . -36.99 0.06 23.25
O2P C5P L . -36.26 -2.34 23.96
O5' C5P L . -37.00 -1.85 21.60
C5' C5P L . -38.07 -2.52 20.93
C4' C5P L . -37.50 -3.62 20.03
O4' C5P L . -38.11 -3.53 18.74
C3' C5P L . -36.01 -3.48 19.84
O3' C5P L . -35.33 -4.68 20.26
C2' C5P L . -35.78 -3.29 18.36
O2' C5P L . -35.13 -4.45 17.83
C1' C5P L . -37.16 -3.13 17.76
N1 C5P L . -37.36 -1.71 17.43
C2 C5P L . -37.78 -1.35 16.14
N3 C5P L . -37.97 -0.04 15.85
C4 C5P L . -37.77 0.92 16.77
C5 C5P L . -37.36 0.57 18.05
C6 C5P L . -37.16 -0.77 18.36
O2 C5P L . -37.98 -2.22 15.28
N4 C5P L . -37.97 2.22 16.44
ZN ZN M . -26.93 15.11 12.22
O3P C5P N . -25.26 19.94 13.98
P C5P N . -25.24 21.02 15.17
O1P C5P N . -25.60 20.31 16.45
O2P C5P N . -26.01 22.24 14.72
O5' C5P N . -23.68 21.44 15.28
C5' C5P N . -22.99 21.97 14.14
C4' C5P N . -21.53 22.19 14.51
O4' C5P N . -21.39 23.45 15.20
C3' C5P N . -21.01 21.15 15.50
O3' C5P N . -20.53 19.95 14.87
C2' C5P N . -19.94 21.90 16.26
O2' C5P N . -18.70 21.87 15.54
C1' C5P N . -20.45 23.34 16.28
N1 C5P N . -21.10 23.70 17.57
C2 C5P N . -20.44 24.59 18.47
N3 C5P N . -21.02 24.92 19.64
C4 C5P N . -22.25 24.44 19.98
C5 C5P N . -22.90 23.58 19.11
C6 C5P N . -22.31 23.21 17.90
O2 C5P N . -19.31 25.05 18.20
N4 C5P N . -22.83 24.78 21.15
ZN ZN O . -21.44 18.09 37.31
O3P C5P P . -25.29 15.35 41.86
P C5P P . -24.97 14.00 41.03
O1P C5P P . -26.16 13.70 40.14
O2P C5P P . -23.60 14.14 40.41
O5' C5P P . -24.91 12.88 42.19
C5' C5P P . -23.94 12.96 43.24
C4' C5P P . -23.63 11.58 43.79
O4' C5P P . -24.76 11.01 44.47
C3' C5P P . -23.27 10.57 42.69
O3' C5P P . -21.87 10.55 42.46
C2' C5P P . -23.79 9.25 43.21
O2' C5P P . -22.74 8.55 43.87
C1' C5P P . -24.89 9.61 44.20
N1 C5P P . -26.24 9.30 43.69
C2 C5P P . -27.01 8.27 44.29
N3 C5P P . -28.25 7.97 43.82
C4 C5P P . -28.77 8.67 42.78
C5 C5P P . -28.04 9.68 42.18
C6 C5P P . -26.76 9.98 42.65
O2 C5P P . -26.56 7.61 45.25
N4 C5P P . -30.01 8.37 42.33
ZN ZN Q . -35.06 -2.54 29.35
#